data_4BFW
#
_entry.id   4BFW
#
_cell.length_a   89.030
_cell.length_b   150.710
_cell.length_c   60.500
_cell.angle_alpha   90.00
_cell.angle_beta   90.00
_cell.angle_gamma   90.00
#
_symmetry.space_group_name_H-M   'P 21 21 2'
#
loop_
_entity.id
_entity.type
_entity.pdbx_description
1 polymer 'PANTOTHENATE KINASE'
2 non-polymer 'PHOSPHATE ION'
3 non-polymer N-[1-(5-{[2-(4-fluorophenoxy)ethyl]sulfanyl}-4-[(4-fluorophenyl)methyl]-4H-1,2,4-triazol-3-yl)ethyl]-2-(trifluoromethyl)benzamide
4 water water
#
_entity_poly.entity_id   1
_entity_poly.type   'polypeptide(L)'
_entity_poly.pdbx_seq_one_letter_code
;HHHHHHMSRLSEPSPYVEFDRRQWRALRMSTPLALTEEELVGLRGLGEQIDLLEVEEVYLPLARLIHLQVAARQRLFAAT
AEFLGEPQQNPDRPVPFIIGVAGSVAVGKSTTARVLQALLARWDHHPRVDLVTTDGFLYPNAELQRRNLMHRKGFPESYN
RRALMRFVTSVKSGSDYACAPVYSHLHYDIIPGAEQVVRHPDILILEGLNVLQTGPTLMVSDLFDFSLYVDARIEDIEQW
YVSRFLAMRTTAFADPESHFHHYAAFSDSQAVVAAREIWRTINRPNLVENILPTRPRATLVLRKDADHSINRLRLRKL
;
_entity_poly.pdbx_strand_id   A,B
#
loop_
_chem_comp.id
_chem_comp.type
_chem_comp.name
_chem_comp.formula
PO4 non-polymer 'PHOSPHATE ION' 'O4 P -3'
ZVW non-polymer N-[1-(5-{[2-(4-fluorophenoxy)ethyl]sulfanyl}-4-[(4-fluorophenyl)methyl]-4H-1,2,4-triazol-3-yl)ethyl]-2-(trifluoromethyl)benzamide 'C27 H23 F5 N4 O2 S'
#
# COMPACT_ATOMS: atom_id res chain seq x y z
N PRO A 13 -10.05 16.72 11.72
CA PRO A 13 -9.28 16.58 10.46
C PRO A 13 -9.14 15.12 10.03
N SER A 14 -9.06 14.87 8.73
CA SER A 14 -8.96 13.48 8.23
C SER A 14 -7.93 13.39 7.09
N PRO A 15 -7.61 12.16 6.63
CA PRO A 15 -6.58 12.03 5.58
C PRO A 15 -7.07 12.40 4.19
N TYR A 16 -8.32 12.89 4.14
CA TYR A 16 -9.01 13.21 2.89
C TYR A 16 -9.24 14.71 2.66
N VAL A 17 -9.03 15.16 1.42
CA VAL A 17 -9.64 16.37 0.88
C VAL A 17 -11.01 16.04 0.22
N GLU A 18 -12.02 16.84 0.58
CA GLU A 18 -13.36 16.58 0.13
C GLU A 18 -13.92 17.65 -0.80
N PHE A 19 -14.40 17.21 -1.97
CA PHE A 19 -15.21 18.03 -2.90
C PHE A 19 -16.65 17.50 -3.08
N ASP A 20 -17.61 18.42 -3.07
CA ASP A 20 -18.93 18.12 -3.61
C ASP A 20 -18.94 18.44 -5.10
N ARG A 21 -20.02 18.02 -5.76
CA ARG A 21 -20.34 18.30 -7.17
C ARG A 21 -19.94 19.67 -7.72
N ARG A 22 -20.44 20.75 -7.10
CA ARG A 22 -20.19 22.10 -7.61
C ARG A 22 -18.73 22.43 -7.59
N GLN A 23 -18.07 22.05 -6.49
CA GLN A 23 -16.66 22.33 -6.36
C GLN A 23 -15.89 21.56 -7.41
N TRP A 24 -16.19 20.28 -7.56
CA TRP A 24 -15.49 19.56 -8.60
C TRP A 24 -15.77 20.22 -9.95
N ARG A 25 -17.04 20.53 -10.25
CA ARG A 25 -17.40 21.16 -11.53
C ARG A 25 -16.50 22.36 -11.77
N ALA A 26 -16.49 23.31 -10.81
CA ALA A 26 -15.74 24.58 -10.97
C ALA A 26 -14.32 24.41 -11.58
N LEU A 27 -14.28 23.99 -12.85
CA LEU A 27 -13.06 23.87 -13.68
C LEU A 27 -12.68 25.20 -14.37
N ARG A 28 -12.92 26.29 -13.65
CA ARG A 28 -12.17 27.52 -13.82
C ARG A 28 -10.72 27.19 -13.38
N MET A 29 -10.57 26.05 -12.69
CA MET A 29 -9.31 25.29 -12.47
C MET A 29 -8.18 25.63 -13.44
N SER A 30 -6.95 25.70 -12.92
CA SER A 30 -5.78 26.29 -13.63
C SER A 30 -5.59 25.98 -15.13
N THR A 31 -6.18 24.89 -15.62
CA THR A 31 -6.25 24.65 -17.07
C THR A 31 -7.68 24.63 -17.63
N PRO A 32 -7.83 25.13 -18.88
CA PRO A 32 -8.99 24.75 -19.64
C PRO A 32 -8.96 23.24 -19.81
N LEU A 33 -10.07 22.59 -19.50
CA LEU A 33 -10.25 21.20 -19.86
C LEU A 33 -11.60 20.99 -20.55
N ALA A 34 -11.56 20.91 -21.87
CA ALA A 34 -12.71 20.60 -22.71
C ALA A 34 -12.31 19.48 -23.65
N LEU A 35 -13.27 18.62 -24.01
CA LEU A 35 -12.99 17.61 -25.03
C LEU A 35 -13.25 18.21 -26.40
N THR A 36 -12.58 17.63 -27.38
CA THR A 36 -12.78 17.99 -28.76
C THR A 36 -13.92 17.12 -29.30
N GLU A 37 -14.38 17.43 -30.51
CA GLU A 37 -15.57 16.75 -31.00
C GLU A 37 -15.27 15.31 -31.50
N GLU A 38 -14.09 15.09 -32.08
CA GLU A 38 -13.66 13.72 -32.42
C GLU A 38 -13.50 12.90 -31.15
N GLU A 39 -13.06 13.53 -30.07
CA GLU A 39 -13.00 12.82 -28.79
C GLU A 39 -14.39 12.38 -28.31
N LEU A 40 -15.37 13.29 -28.34
CA LEU A 40 -16.73 13.05 -27.83
C LEU A 40 -17.47 12.00 -28.66
N VAL A 41 -17.10 11.94 -29.93
CA VAL A 41 -17.59 10.91 -30.85
C VAL A 41 -17.03 9.55 -30.43
N GLY A 42 -15.70 9.44 -30.39
CA GLY A 42 -15.06 8.22 -29.92
C GLY A 42 -15.63 7.73 -28.59
N LEU A 43 -15.95 8.66 -27.70
CA LEU A 43 -16.40 8.32 -26.36
C LEU A 43 -17.80 7.79 -26.32
N ARG A 44 -18.58 8.14 -27.34
CA ARG A 44 -19.90 7.59 -27.57
C ARG A 44 -19.80 6.11 -28.01
N GLY A 45 -18.68 5.75 -28.64
CA GLY A 45 -18.45 4.37 -29.10
C GLY A 45 -18.75 3.28 -28.08
N LEU A 46 -18.56 3.61 -26.80
CA LEU A 46 -18.93 2.76 -25.66
C LEU A 46 -20.19 3.29 -24.99
N GLY A 47 -20.94 4.14 -25.70
CA GLY A 47 -22.05 4.92 -25.14
C GLY A 47 -23.28 4.13 -24.74
N GLU A 48 -23.14 3.33 -23.69
CA GLU A 48 -24.24 2.63 -23.01
C GLU A 48 -25.20 3.71 -22.50
N GLN A 49 -25.43 4.72 -23.34
CA GLN A 49 -25.91 6.03 -22.91
C GLN A 49 -25.04 6.54 -21.76
N ILE A 50 -23.77 6.76 -22.10
CA ILE A 50 -22.84 7.47 -21.23
C ILE A 50 -23.26 8.93 -21.19
N ASP A 51 -23.32 9.49 -19.98
CA ASP A 51 -23.49 10.94 -19.84
C ASP A 51 -22.14 11.62 -20.22
N LEU A 52 -22.11 12.25 -21.40
CA LEU A 52 -20.91 12.88 -21.90
C LEU A 52 -20.61 14.22 -21.23
N LEU A 53 -21.63 14.85 -20.64
CA LEU A 53 -21.38 16.00 -19.75
C LEU A 53 -20.59 15.61 -18.49
N GLU A 54 -21.02 14.56 -17.77
CA GLU A 54 -20.19 14.03 -16.67
C GLU A 54 -18.79 13.66 -17.13
N VAL A 55 -18.67 13.01 -18.30
CA VAL A 55 -17.35 12.61 -18.79
C VAL A 55 -16.42 13.81 -18.90
N GLU A 56 -16.87 14.85 -19.59
CA GLU A 56 -16.05 16.03 -19.68
C GLU A 56 -15.94 16.83 -18.35
N GLU A 57 -17.00 16.88 -17.56
CA GLU A 57 -16.98 17.75 -16.37
C GLU A 57 -16.45 17.08 -15.08
N VAL A 58 -16.60 15.76 -14.95
CA VAL A 58 -16.12 15.03 -13.77
C VAL A 58 -14.91 14.13 -14.07
N TYR A 59 -15.03 13.25 -15.05
CA TYR A 59 -13.95 12.29 -15.36
C TYR A 59 -12.72 12.91 -15.99
N LEU A 60 -12.88 13.92 -16.85
CA LEU A 60 -11.71 14.59 -17.39
C LEU A 60 -10.84 15.19 -16.30
N PRO A 61 -11.45 15.97 -15.37
CA PRO A 61 -10.62 16.51 -14.30
C PRO A 61 -9.96 15.37 -13.49
N LEU A 62 -10.71 14.31 -13.26
CA LEU A 62 -10.22 13.18 -12.52
C LEU A 62 -9.03 12.57 -13.25
N ALA A 63 -9.12 12.44 -14.56
CA ALA A 63 -8.01 11.81 -15.29
C ALA A 63 -6.76 12.68 -15.30
N ARG A 64 -6.97 13.99 -15.11
CA ARG A 64 -5.88 14.97 -15.14
C ARG A 64 -5.04 14.81 -13.87
N LEU A 65 -5.74 14.95 -12.73
CA LEU A 65 -5.24 14.54 -11.44
C LEU A 65 -4.40 13.22 -11.49
N ILE A 66 -4.93 12.18 -12.10
CA ILE A 66 -4.21 10.93 -12.17
C ILE A 66 -2.98 11.10 -13.07
N HIS A 67 -3.19 11.75 -14.20
CA HIS A 67 -2.04 12.03 -15.10
C HIS A 67 -0.84 12.66 -14.34
N LEU A 68 -1.15 13.57 -13.42
CA LEU A 68 -0.12 14.25 -12.64
C LEU A 68 0.71 13.22 -11.84
N GLN A 69 0.04 12.22 -11.28
CA GLN A 69 0.71 11.18 -10.56
C GLN A 69 1.53 10.29 -11.50
N VAL A 70 1.03 10.06 -12.70
CA VAL A 70 1.78 9.23 -13.67
C VAL A 70 3.06 9.90 -14.11
N ALA A 71 3.00 11.23 -14.24
CA ALA A 71 4.10 12.01 -14.79
C ALA A 71 5.19 12.19 -13.71
N ALA A 72 4.77 12.61 -12.51
CA ALA A 72 5.62 12.44 -11.32
C ALA A 72 6.40 11.10 -11.33
N ARG A 73 5.71 9.98 -11.35
CA ARG A 73 6.39 8.69 -11.32
C ARG A 73 7.41 8.51 -12.46
N GLN A 74 7.08 8.99 -13.66
CA GLN A 74 8.01 8.98 -14.80
C GLN A 74 9.29 9.81 -14.56
N ARG A 75 9.16 10.98 -13.95
CA ARG A 75 10.34 11.79 -13.62
C ARG A 75 11.16 11.14 -12.49
N LEU A 76 10.49 10.77 -11.39
CA LEU A 76 11.20 10.08 -10.35
C LEU A 76 11.99 8.88 -10.92
N PHE A 77 11.41 8.08 -11.81
CA PHE A 77 12.15 6.95 -12.44
C PHE A 77 13.45 7.42 -13.12
N ALA A 78 13.37 8.53 -13.85
CA ALA A 78 14.55 9.06 -14.54
C ALA A 78 15.61 9.67 -13.58
N ALA A 79 15.18 10.44 -12.58
CA ALA A 79 16.08 11.00 -11.58
C ALA A 79 16.76 9.85 -10.80
N THR A 80 16.01 8.80 -10.55
CA THR A 80 16.48 7.62 -9.86
C THR A 80 17.42 6.82 -10.76
N ALA A 81 17.08 6.63 -12.04
CA ALA A 81 18.00 5.86 -12.94
C ALA A 81 19.35 6.55 -13.11
N GLU A 82 19.38 7.87 -12.93
CA GLU A 82 20.56 8.66 -13.20
C GLU A 82 21.45 8.67 -11.96
N PHE A 83 20.84 8.88 -10.79
CA PHE A 83 21.53 8.70 -9.53
C PHE A 83 22.20 7.32 -9.46
N LEU A 84 21.50 6.27 -9.83
CA LEU A 84 22.08 4.94 -9.82
C LEU A 84 23.12 4.71 -10.93
N GLY A 85 23.49 5.79 -11.64
CA GLY A 85 24.37 5.71 -12.81
C GLY A 85 23.92 4.71 -13.87
N GLU A 86 22.61 4.49 -13.96
CA GLU A 86 21.95 3.51 -14.86
C GLU A 86 22.64 2.15 -15.08
N PRO A 87 22.45 1.23 -14.14
CA PRO A 87 22.99 -0.12 -14.23
C PRO A 87 22.25 -1.01 -15.24
N GLN A 88 22.92 -2.07 -15.65
CA GLN A 88 22.34 -3.09 -16.52
C GLN A 88 21.05 -3.72 -15.96
N GLN A 89 20.93 -3.75 -14.62
CA GLN A 89 19.83 -4.45 -13.96
C GLN A 89 18.59 -3.57 -13.70
N ASN A 90 18.79 -2.25 -13.62
CA ASN A 90 17.65 -1.30 -13.70
C ASN A 90 17.00 -1.28 -15.10
N PRO A 91 15.66 -1.31 -15.17
CA PRO A 91 15.03 -1.32 -16.50
C PRO A 91 15.22 0.03 -17.23
N ASP A 92 15.10 0.02 -18.56
CA ASP A 92 15.33 1.23 -19.38
C ASP A 92 14.24 2.31 -19.31
N ARG A 93 13.05 1.91 -18.87
CA ARG A 93 11.86 2.79 -18.87
C ARG A 93 11.02 2.47 -17.65
N PRO A 94 10.12 3.37 -17.26
CA PRO A 94 9.24 2.99 -16.16
C PRO A 94 8.43 1.70 -16.42
N VAL A 95 8.20 0.90 -15.38
CA VAL A 95 7.29 -0.23 -15.52
C VAL A 95 5.85 0.34 -15.53
N PRO A 96 4.88 -0.46 -16.01
CA PRO A 96 3.50 0.05 -15.97
C PRO A 96 3.08 0.70 -14.67
N PHE A 97 2.30 1.76 -14.77
CA PHE A 97 1.68 2.37 -13.60
C PHE A 97 0.29 1.68 -13.44
N ILE A 98 0.00 1.13 -12.26
CA ILE A 98 -1.19 0.32 -12.07
C ILE A 98 -2.27 0.98 -11.19
N ILE A 99 -3.49 1.04 -11.74
CA ILE A 99 -4.58 1.66 -11.05
C ILE A 99 -5.60 0.59 -10.72
N GLY A 100 -6.05 0.56 -9.48
CA GLY A 100 -7.14 -0.33 -9.11
C GLY A 100 -8.48 0.38 -9.10
N VAL A 101 -9.53 -0.38 -9.38
CA VAL A 101 -10.91 0.13 -9.38
C VAL A 101 -11.82 -0.91 -8.73
N ALA A 102 -12.52 -0.47 -7.70
CA ALA A 102 -13.20 -1.40 -6.80
C ALA A 102 -14.56 -0.81 -6.49
N GLY A 103 -15.45 -1.65 -5.98
CA GLY A 103 -16.76 -1.20 -5.51
C GLY A 103 -17.74 -2.34 -5.70
N SER A 104 -18.98 -2.13 -5.27
CA SER A 104 -20.02 -3.15 -5.40
C SER A 104 -20.27 -3.69 -6.83
N VAL A 105 -20.87 -4.87 -6.93
CA VAL A 105 -21.51 -5.27 -8.23
C VAL A 105 -22.55 -4.18 -8.57
N ALA A 106 -22.58 -3.80 -9.86
CA ALA A 106 -23.59 -2.88 -10.43
C ALA A 106 -23.40 -1.43 -10.03
N VAL A 107 -22.21 -1.10 -9.56
CA VAL A 107 -22.03 0.29 -9.07
C VAL A 107 -21.49 1.14 -10.25
N GLY A 108 -21.06 0.45 -11.31
CA GLY A 108 -20.56 1.07 -12.53
C GLY A 108 -19.05 1.06 -12.63
N LYS A 109 -18.41 0.04 -12.06
CA LYS A 109 -16.98 -0.02 -12.00
C LYS A 109 -16.50 -0.08 -13.42
N SER A 110 -17.19 -0.88 -14.21
CA SER A 110 -16.67 -1.20 -15.52
C SER A 110 -16.72 0.01 -16.45
N THR A 111 -17.78 0.80 -16.30
CA THR A 111 -17.95 2.00 -17.07
C THR A 111 -16.90 3.02 -16.65
N THR A 112 -16.78 3.19 -15.34
CA THR A 112 -15.78 4.09 -14.77
C THR A 112 -14.40 3.77 -15.33
N ALA A 113 -14.02 2.51 -15.20
CA ALA A 113 -12.77 2.03 -15.71
C ALA A 113 -12.59 2.33 -17.21
N ARG A 114 -13.62 2.09 -18.01
CA ARG A 114 -13.50 2.27 -19.45
C ARG A 114 -13.43 3.75 -19.79
N VAL A 115 -14.16 4.59 -19.07
CA VAL A 115 -14.02 6.04 -19.26
C VAL A 115 -12.66 6.64 -18.86
N LEU A 116 -12.01 6.13 -17.79
CA LEU A 116 -10.65 6.58 -17.49
C LEU A 116 -9.65 5.95 -18.50
N GLN A 117 -9.90 4.73 -18.97
CA GLN A 117 -8.94 4.13 -19.96
C GLN A 117 -8.72 5.03 -21.16
N ALA A 118 -9.82 5.38 -21.82
CA ALA A 118 -9.83 6.25 -22.98
C ALA A 118 -9.36 7.68 -22.69
N LEU A 119 -9.78 8.26 -21.56
CA LEU A 119 -9.32 9.60 -21.21
C LEU A 119 -7.81 9.67 -20.93
N LEU A 120 -7.24 8.70 -20.20
CA LEU A 120 -5.81 8.77 -19.87
C LEU A 120 -4.93 8.60 -21.08
N ALA A 121 -5.44 7.88 -22.08
CA ALA A 121 -4.61 7.64 -23.26
C ALA A 121 -4.49 8.94 -24.09
N ARG A 122 -5.22 9.98 -23.69
CA ARG A 122 -5.17 11.30 -24.36
C ARG A 122 -3.77 11.94 -24.34
N TRP A 123 -2.98 11.72 -23.28
CA TRP A 123 -1.66 12.36 -23.09
C TRP A 123 -0.58 11.53 -23.74
N ASP A 124 0.44 12.18 -24.34
CA ASP A 124 1.59 11.49 -25.00
C ASP A 124 2.60 10.88 -24.01
N HIS A 125 2.54 11.30 -22.76
CA HIS A 125 3.34 10.65 -21.68
C HIS A 125 3.02 9.15 -21.53
N HIS A 126 1.79 8.77 -21.87
CA HIS A 126 1.26 7.48 -21.52
C HIS A 126 0.08 7.09 -22.42
N PRO A 127 0.35 6.88 -23.72
CA PRO A 127 -0.75 6.60 -24.68
C PRO A 127 -1.26 5.18 -24.58
N ARG A 128 -0.46 4.24 -24.11
CA ARG A 128 -0.86 2.83 -24.18
C ARG A 128 -1.40 2.37 -22.81
N VAL A 129 -2.74 2.49 -22.66
CA VAL A 129 -3.49 2.17 -21.43
C VAL A 129 -4.31 0.88 -21.55
N ASP A 130 -4.06 -0.11 -20.70
CA ASP A 130 -4.81 -1.36 -20.74
C ASP A 130 -5.84 -1.49 -19.66
N LEU A 131 -6.75 -2.45 -19.84
CA LEU A 131 -7.81 -2.75 -18.89
C LEU A 131 -7.99 -4.23 -18.75
N VAL A 132 -7.85 -4.71 -17.51
CA VAL A 132 -8.15 -6.10 -17.15
C VAL A 132 -9.11 -6.13 -15.97
N THR A 133 -10.08 -7.04 -16.04
CA THR A 133 -10.97 -7.30 -14.92
C THR A 133 -10.54 -8.57 -14.25
N THR A 134 -10.73 -8.60 -12.94
CA THR A 134 -10.34 -9.80 -12.19
C THR A 134 -11.30 -10.97 -12.38
N ASP A 135 -12.42 -10.72 -13.05
CA ASP A 135 -13.35 -11.81 -13.41
C ASP A 135 -12.63 -12.98 -14.12
N GLY A 136 -11.59 -12.66 -14.87
CA GLY A 136 -10.81 -13.67 -15.58
C GLY A 136 -10.03 -14.55 -14.63
N PHE A 137 -10.00 -14.18 -13.35
CA PHE A 137 -9.27 -14.96 -12.37
C PHE A 137 -10.17 -15.77 -11.44
N LEU A 138 -11.48 -15.65 -11.62
CA LEU A 138 -12.40 -16.58 -10.95
C LEU A 138 -12.06 -18.00 -11.36
N TYR A 139 -12.21 -18.99 -10.47
CA TYR A 139 -11.99 -20.40 -10.90
C TYR A 139 -13.12 -20.81 -11.85
N PRO A 140 -12.80 -21.60 -12.90
CA PRO A 140 -13.85 -22.13 -13.76
C PRO A 140 -14.87 -22.90 -12.94
N ASN A 141 -16.12 -22.90 -13.37
CA ASN A 141 -17.21 -23.58 -12.67
C ASN A 141 -16.87 -24.97 -12.18
N ALA A 142 -16.24 -25.76 -13.03
CA ALA A 142 -15.77 -27.12 -12.67
C ALA A 142 -14.81 -27.18 -11.49
N GLU A 143 -13.85 -26.28 -11.43
CA GLU A 143 -12.95 -26.24 -10.28
C GLU A 143 -13.67 -25.65 -9.06
N LEU A 144 -14.73 -24.89 -9.33
CA LEU A 144 -15.50 -24.26 -8.28
C LEU A 144 -16.47 -25.30 -7.69
N GLN A 145 -16.84 -26.31 -8.50
CA GLN A 145 -17.60 -27.47 -7.99
C GLN A 145 -16.74 -28.28 -7.02
N ARG A 146 -15.61 -28.81 -7.49
CA ARG A 146 -14.74 -29.60 -6.63
C ARG A 146 -14.68 -28.98 -5.24
N ARG A 147 -14.57 -27.65 -5.19
CA ARG A 147 -14.32 -26.96 -3.91
C ARG A 147 -15.54 -26.60 -3.09
N ASN A 148 -16.73 -26.94 -3.57
CA ASN A 148 -17.99 -26.51 -2.95
C ASN A 148 -18.08 -25.00 -2.86
N LEU A 149 -17.82 -24.30 -3.98
CA LEU A 149 -17.83 -22.83 -3.94
C LEU A 149 -18.75 -22.10 -4.92
N MET A 150 -19.57 -22.84 -5.66
CA MET A 150 -20.49 -22.20 -6.61
C MET A 150 -21.35 -21.11 -5.98
N HIS A 151 -21.73 -21.25 -4.72
CA HIS A 151 -22.61 -20.26 -4.04
C HIS A 151 -21.80 -19.06 -3.57
N ARG A 152 -20.48 -19.17 -3.71
CA ARG A 152 -19.59 -18.11 -3.28
C ARG A 152 -18.86 -17.45 -4.44
N LYS A 153 -19.44 -17.54 -5.63
CA LYS A 153 -18.84 -16.91 -6.78
C LYS A 153 -18.83 -15.39 -6.55
N GLY A 154 -17.63 -14.82 -6.57
CA GLY A 154 -17.43 -13.40 -6.41
C GLY A 154 -16.98 -13.02 -5.02
N PHE A 155 -16.98 -14.01 -4.10
CA PHE A 155 -16.37 -13.93 -2.77
C PHE A 155 -14.86 -14.19 -2.85
N PRO A 156 -14.08 -13.61 -1.91
CA PRO A 156 -12.61 -13.72 -2.07
C PRO A 156 -12.06 -15.12 -2.48
N GLU A 157 -12.57 -16.22 -1.95
CA GLU A 157 -11.98 -17.55 -2.28
C GLU A 157 -12.39 -18.15 -3.62
N SER A 158 -13.25 -17.47 -4.38
CA SER A 158 -13.65 -17.99 -5.69
C SER A 158 -12.63 -17.64 -6.74
N TYR A 159 -11.68 -16.81 -6.35
CA TYR A 159 -10.65 -16.39 -7.27
C TYR A 159 -9.44 -17.24 -7.07
N ASN A 160 -8.81 -17.58 -8.20
CA ASN A 160 -7.44 -18.03 -8.15
C ASN A 160 -6.51 -16.86 -7.80
N ARG A 161 -6.27 -16.71 -6.50
CA ARG A 161 -5.56 -15.54 -6.01
C ARG A 161 -4.06 -15.64 -6.31
N ARG A 162 -3.57 -16.85 -6.38
CA ARG A 162 -2.18 -17.10 -6.65
C ARG A 162 -1.90 -16.66 -8.08
N ALA A 163 -2.78 -17.03 -9.01
CA ALA A 163 -2.56 -16.66 -10.43
C ALA A 163 -2.76 -15.14 -10.65
N LEU A 164 -3.66 -14.56 -9.86
CA LEU A 164 -3.92 -13.17 -9.96
C LEU A 164 -2.69 -12.41 -9.45
N MET A 165 -2.17 -12.82 -8.31
CA MET A 165 -0.90 -12.27 -7.81
C MET A 165 0.26 -12.41 -8.83
N ARG A 166 0.39 -13.58 -9.46
CA ARG A 166 1.47 -13.81 -10.43
C ARG A 166 1.34 -12.88 -11.60
N PHE A 167 0.10 -12.68 -12.03
CA PHE A 167 -0.14 -11.87 -13.20
C PHE A 167 0.24 -10.43 -12.92
N VAL A 168 -0.28 -9.84 -11.83
CA VAL A 168 0.05 -8.46 -11.49
C VAL A 168 1.54 -8.26 -11.19
N THR A 169 2.16 -9.28 -10.60
CA THR A 169 3.59 -9.23 -10.31
C THR A 169 4.37 -9.19 -11.59
N SER A 170 3.98 -10.04 -12.54
CA SER A 170 4.71 -10.08 -13.80
C SER A 170 4.62 -8.75 -14.54
N VAL A 171 3.49 -8.07 -14.43
CA VAL A 171 3.33 -6.77 -15.08
C VAL A 171 4.16 -5.69 -14.37
N LYS A 172 4.22 -5.75 -13.04
CA LYS A 172 4.99 -4.75 -12.29
C LYS A 172 6.48 -4.97 -12.44
N SER A 173 6.85 -6.15 -12.96
CA SER A 173 8.23 -6.58 -13.22
C SER A 173 8.77 -6.02 -14.50
N GLY A 174 7.90 -5.41 -15.29
CA GLY A 174 8.27 -4.92 -16.61
C GLY A 174 8.49 -5.99 -17.65
N SER A 175 7.82 -7.12 -17.53
CA SER A 175 7.98 -8.14 -18.58
C SER A 175 7.19 -7.75 -19.85
N ASP A 176 7.67 -8.22 -21.00
CA ASP A 176 7.09 -7.86 -22.29
C ASP A 176 5.71 -8.47 -22.50
N TYR A 177 5.37 -9.50 -21.70
CA TYR A 177 4.28 -10.44 -22.01
C TYR A 177 3.66 -11.00 -20.72
N ALA A 178 2.38 -10.72 -20.50
CA ALA A 178 1.65 -11.29 -19.35
C ALA A 178 0.24 -11.62 -19.76
N CYS A 179 -0.18 -12.84 -19.44
CA CYS A 179 -1.48 -13.39 -19.87
C CYS A 179 -2.47 -13.48 -18.73
N ALA A 180 -3.68 -12.94 -18.91
CA ALA A 180 -4.82 -13.21 -18.02
C ALA A 180 -5.87 -14.13 -18.66
N PRO A 181 -6.57 -14.96 -17.86
CA PRO A 181 -7.69 -15.65 -18.53
C PRO A 181 -8.88 -14.72 -18.82
N VAL A 182 -9.93 -15.29 -19.42
CA VAL A 182 -11.08 -14.50 -19.91
C VAL A 182 -12.35 -15.16 -19.41
N TYR A 183 -13.20 -14.37 -18.78
CA TYR A 183 -14.44 -14.85 -18.23
C TYR A 183 -15.56 -14.46 -19.18
N SER A 184 -16.52 -15.36 -19.41
CA SER A 184 -17.76 -14.96 -20.08
C SER A 184 -18.90 -14.82 -19.08
N HIS A 185 -19.47 -13.63 -18.96
CA HIS A 185 -20.69 -13.47 -18.14
C HIS A 185 -21.93 -14.18 -18.76
N LEU A 186 -21.99 -14.18 -20.08
CA LEU A 186 -23.01 -14.88 -20.86
C LEU A 186 -23.09 -16.34 -20.43
N HIS A 187 -21.97 -17.04 -20.56
CA HIS A 187 -21.92 -18.44 -20.25
C HIS A 187 -21.68 -18.68 -18.75
N TYR A 188 -21.55 -17.59 -17.97
CA TYR A 188 -21.27 -17.68 -16.53
C TYR A 188 -20.02 -18.52 -16.20
N ASP A 189 -18.98 -18.39 -17.01
CA ASP A 189 -17.81 -19.24 -16.80
C ASP A 189 -16.62 -18.72 -17.56
N ILE A 190 -15.47 -19.27 -17.21
CA ILE A 190 -14.25 -18.99 -17.93
C ILE A 190 -14.34 -19.64 -19.31
N ILE A 191 -14.06 -18.87 -20.34
CA ILE A 191 -13.86 -19.38 -21.69
C ILE A 191 -12.57 -20.18 -21.78
N PRO A 192 -12.68 -21.50 -22.05
CA PRO A 192 -11.46 -22.34 -22.11
C PRO A 192 -10.51 -21.96 -23.28
N GLY A 193 -9.22 -21.91 -23.01
CA GLY A 193 -8.22 -21.56 -24.02
C GLY A 193 -8.04 -20.09 -24.37
N ALA A 194 -8.97 -19.22 -23.95
CA ALA A 194 -8.92 -17.81 -24.33
C ALA A 194 -8.08 -16.98 -23.37
N GLU A 195 -7.32 -16.06 -23.92
CA GLU A 195 -6.36 -15.28 -23.13
C GLU A 195 -6.31 -13.83 -23.59
N GLN A 196 -6.28 -12.91 -22.61
CA GLN A 196 -5.91 -11.52 -22.84
C GLN A 196 -4.41 -11.30 -22.54
N VAL A 197 -3.65 -10.85 -23.56
CA VAL A 197 -2.21 -10.64 -23.43
C VAL A 197 -1.91 -9.17 -23.14
N VAL A 198 -1.11 -8.88 -22.11
CA VAL A 198 -0.74 -7.51 -21.75
C VAL A 198 0.76 -7.30 -22.02
N ARG A 199 1.10 -6.26 -22.76
CA ARG A 199 2.47 -6.11 -23.24
C ARG A 199 3.09 -4.76 -22.83
N HIS A 200 3.59 -4.72 -21.59
CA HIS A 200 4.13 -3.52 -20.97
C HIS A 200 3.40 -2.22 -21.35
N PRO A 201 2.15 -2.05 -20.91
CA PRO A 201 1.47 -0.75 -21.12
C PRO A 201 2.07 0.35 -20.25
N ASP A 202 1.85 1.60 -20.61
CA ASP A 202 2.18 2.67 -19.69
C ASP A 202 1.29 2.61 -18.47
N ILE A 203 0.02 2.32 -18.66
CA ILE A 203 -0.90 2.22 -17.55
C ILE A 203 -1.67 0.95 -17.73
N LEU A 204 -1.93 0.30 -16.60
CA LEU A 204 -2.83 -0.84 -16.52
C LEU A 204 -3.88 -0.53 -15.47
N ILE A 205 -5.15 -0.57 -15.86
CA ILE A 205 -6.24 -0.47 -14.94
C ILE A 205 -6.71 -1.85 -14.63
N LEU A 206 -6.86 -2.15 -13.34
CA LEU A 206 -7.37 -3.45 -12.87
C LEU A 206 -8.67 -3.27 -12.12
N GLU A 207 -9.76 -3.71 -12.76
CA GLU A 207 -11.10 -3.56 -12.23
C GLU A 207 -11.63 -4.87 -11.62
N GLY A 208 -12.24 -4.79 -10.45
CA GLY A 208 -12.72 -5.98 -9.77
C GLY A 208 -13.30 -5.70 -8.39
N LEU A 209 -14.18 -6.61 -7.95
CA LEU A 209 -14.78 -6.55 -6.61
C LEU A 209 -13.69 -6.65 -5.55
N ASN A 210 -12.66 -7.44 -5.87
CA ASN A 210 -11.70 -7.86 -4.92
C ASN A 210 -10.37 -7.12 -4.96
N VAL A 211 -10.27 -6.05 -5.76
CA VAL A 211 -8.92 -5.48 -6.03
C VAL A 211 -8.18 -4.93 -4.78
N LEU A 212 -8.93 -4.42 -3.80
CA LEU A 212 -8.42 -3.75 -2.62
C LEU A 212 -8.57 -4.63 -1.38
N GLN A 213 -8.84 -5.92 -1.61
CA GLN A 213 -8.91 -6.82 -0.51
C GLN A 213 -7.57 -7.21 0.08
N THR A 214 -7.57 -7.21 1.40
CA THR A 214 -6.51 -7.59 2.30
C THR A 214 -6.26 -9.12 2.31
N GLY A 215 -5.05 -9.52 2.67
CA GLY A 215 -4.70 -10.95 2.79
C GLY A 215 -3.44 -11.02 3.64
N PRO A 216 -3.00 -12.24 4.02
CA PRO A 216 -1.98 -12.34 5.07
C PRO A 216 -0.58 -11.99 4.55
N THR A 217 -0.22 -12.52 3.39
CA THR A 217 1.10 -12.28 2.82
C THR A 217 1.07 -10.99 1.97
N LEU A 218 1.84 -10.93 0.88
CA LEU A 218 1.65 -9.88 -0.13
C LEU A 218 0.24 -10.04 -0.80
N MET A 219 -0.38 -8.91 -1.19
CA MET A 219 -1.71 -8.86 -1.80
C MET A 219 -1.62 -7.96 -3.05
N VAL A 220 -2.60 -8.01 -3.97
CA VAL A 220 -2.46 -7.23 -5.20
C VAL A 220 -2.43 -5.74 -5.00
N SER A 221 -3.19 -5.20 -4.03
CA SER A 221 -3.14 -3.76 -3.81
C SER A 221 -1.73 -3.21 -3.43
N ASP A 222 -0.82 -4.09 -3.01
CA ASP A 222 0.61 -3.72 -2.82
C ASP A 222 1.26 -3.20 -4.08
N LEU A 223 0.79 -3.69 -5.23
CA LEU A 223 1.42 -3.35 -6.50
C LEU A 223 0.70 -2.19 -7.22
N PHE A 224 -0.22 -1.51 -6.53
CA PHE A 224 -0.96 -0.42 -7.17
C PHE A 224 -0.23 0.86 -6.92
N ASP A 225 -0.36 1.79 -7.87
CA ASP A 225 0.14 3.15 -7.69
C ASP A 225 -0.97 4.12 -7.39
N PHE A 226 -2.22 3.76 -7.69
CA PHE A 226 -3.40 4.61 -7.42
C PHE A 226 -4.54 3.62 -7.32
N SER A 227 -5.58 3.97 -6.61
CA SER A 227 -6.74 3.09 -6.55
C SER A 227 -7.99 3.93 -6.39
N LEU A 228 -9.09 3.45 -6.97
CA LEU A 228 -10.43 4.09 -6.92
C LEU A 228 -11.49 3.21 -6.29
N TYR A 229 -12.32 3.79 -5.45
CA TYR A 229 -13.47 3.05 -4.95
C TYR A 229 -14.75 3.75 -5.42
N VAL A 230 -15.59 3.04 -6.19
CA VAL A 230 -16.86 3.59 -6.70
C VAL A 230 -17.98 3.30 -5.67
N ASP A 231 -18.56 4.37 -5.12
CA ASP A 231 -19.42 4.30 -3.95
C ASP A 231 -20.85 4.81 -4.19
N ALA A 232 -21.80 4.30 -3.38
CA ALA A 232 -23.19 4.82 -3.29
C ALA A 232 -23.91 4.20 -2.10
N ARG A 233 -25.02 4.82 -1.68
CA ARG A 233 -25.96 4.19 -0.74
C ARG A 233 -26.34 2.80 -1.26
N ILE A 234 -26.40 1.84 -0.34
CA ILE A 234 -26.72 0.44 -0.62
C ILE A 234 -28.14 0.28 -1.22
N GLU A 235 -29.10 1.12 -0.79
CA GLU A 235 -30.43 1.25 -1.42
C GLU A 235 -30.30 1.49 -2.93
N ASP A 236 -29.49 2.49 -3.32
CA ASP A 236 -29.36 2.87 -4.74
C ASP A 236 -28.76 1.77 -5.59
N ILE A 237 -27.72 1.11 -5.09
CA ILE A 237 -27.07 0.00 -5.82
C ILE A 237 -28.05 -1.16 -5.97
N GLU A 238 -28.87 -1.37 -4.96
CA GLU A 238 -29.93 -2.38 -5.11
C GLU A 238 -30.82 -2.03 -6.32
N GLN A 239 -31.32 -0.80 -6.31
CA GLN A 239 -32.10 -0.28 -7.43
C GLN A 239 -31.42 -0.47 -8.79
N TRP A 240 -30.10 -0.25 -8.90
CA TRP A 240 -29.39 -0.42 -10.18
C TRP A 240 -29.16 -1.89 -10.52
N TYR A 241 -28.93 -2.71 -9.49
CA TYR A 241 -28.78 -4.14 -9.70
C TYR A 241 -30.10 -4.70 -10.30
N VAL A 242 -31.21 -4.34 -9.66
CA VAL A 242 -32.55 -4.79 -10.07
C VAL A 242 -32.86 -4.36 -11.51
N SER A 243 -32.78 -3.06 -11.79
CA SER A 243 -32.92 -2.52 -13.14
C SER A 243 -32.06 -3.26 -14.16
N ARG A 244 -30.82 -3.60 -13.82
CA ARG A 244 -29.98 -4.23 -14.83
C ARG A 244 -30.33 -5.69 -15.10
N PHE A 245 -30.86 -6.36 -14.07
CA PHE A 245 -31.31 -7.74 -14.20
C PHE A 245 -32.51 -7.75 -15.19
N LEU A 246 -33.52 -6.92 -14.90
CA LEU A 246 -34.71 -6.78 -15.81
C LEU A 246 -34.20 -6.52 -17.23
N ALA A 247 -33.48 -5.41 -17.42
CA ALA A 247 -32.97 -5.06 -18.74
C ALA A 247 -32.26 -6.24 -19.42
N MET A 248 -31.68 -7.14 -18.65
CA MET A 248 -30.90 -8.21 -19.27
C MET A 248 -31.76 -9.32 -19.85
N ARG A 249 -33.04 -9.25 -19.52
CA ARG A 249 -34.06 -10.16 -20.05
C ARG A 249 -34.04 -10.17 -21.58
N THR A 250 -34.15 -8.98 -22.14
CA THR A 250 -33.97 -8.74 -23.57
C THR A 250 -32.60 -9.09 -24.12
N THR A 251 -31.55 -8.61 -23.44
CA THR A 251 -30.20 -8.63 -24.00
C THR A 251 -29.55 -9.99 -23.76
N ALA A 252 -28.64 -10.10 -22.80
CA ALA A 252 -27.89 -11.34 -22.55
C ALA A 252 -28.72 -12.59 -22.25
N PHE A 253 -29.78 -12.46 -21.42
CA PHE A 253 -30.57 -13.64 -21.00
C PHE A 253 -31.31 -14.25 -22.22
N ALA A 254 -31.79 -13.38 -23.11
CA ALA A 254 -32.45 -13.79 -24.35
C ALA A 254 -31.57 -14.68 -25.25
N ASP A 255 -30.27 -14.44 -25.26
CA ASP A 255 -29.35 -15.34 -25.99
C ASP A 255 -29.67 -16.76 -25.53
N PRO A 256 -29.76 -17.73 -26.48
CA PRO A 256 -30.09 -19.09 -26.02
C PRO A 256 -28.88 -19.77 -25.34
N GLU A 257 -27.67 -19.34 -25.72
CA GLU A 257 -26.42 -19.75 -25.09
C GLU A 257 -26.25 -19.20 -23.66
N SER A 258 -27.11 -18.25 -23.28
CA SER A 258 -27.12 -17.69 -21.92
C SER A 258 -27.34 -18.77 -20.85
N HIS A 259 -26.39 -18.83 -19.93
CA HIS A 259 -26.50 -19.72 -18.79
C HIS A 259 -27.78 -19.37 -18.00
N PHE A 260 -28.25 -18.14 -18.12
CA PHE A 260 -29.46 -17.74 -17.41
C PHE A 260 -30.63 -17.49 -18.36
N HIS A 261 -30.71 -18.36 -19.36
CA HIS A 261 -31.65 -18.20 -20.47
C HIS A 261 -33.08 -18.25 -20.01
N HIS A 262 -33.35 -19.11 -19.02
CA HIS A 262 -34.68 -19.23 -18.38
C HIS A 262 -35.13 -17.95 -17.67
N TYR A 263 -34.26 -16.95 -17.64
CA TYR A 263 -34.59 -15.69 -16.97
C TYR A 263 -35.25 -14.72 -17.94
N ALA A 264 -35.06 -14.99 -19.23
CA ALA A 264 -35.74 -14.21 -20.28
C ALA A 264 -37.27 -14.29 -20.18
N ALA A 265 -37.75 -15.44 -19.69
CA ALA A 265 -39.17 -15.78 -19.58
C ALA A 265 -39.83 -15.22 -18.32
N PHE A 266 -39.25 -14.18 -17.74
CA PHE A 266 -39.74 -13.70 -16.47
C PHE A 266 -40.53 -12.44 -16.64
N SER A 267 -41.73 -12.41 -16.11
CA SER A 267 -42.50 -11.18 -16.03
C SER A 267 -41.72 -10.14 -15.24
N ASP A 268 -42.11 -8.87 -15.34
CA ASP A 268 -41.51 -7.83 -14.50
C ASP A 268 -41.54 -8.23 -13.06
N SER A 269 -42.72 -8.52 -12.56
CA SER A 269 -42.91 -8.81 -11.14
C SER A 269 -42.04 -9.97 -10.69
N GLN A 270 -41.96 -11.01 -11.50
CA GLN A 270 -41.18 -12.19 -11.15
C GLN A 270 -39.68 -11.85 -11.10
N ALA A 271 -39.23 -11.10 -12.10
CA ALA A 271 -37.88 -10.58 -12.19
C ALA A 271 -37.53 -9.70 -10.98
N VAL A 272 -38.41 -8.79 -10.57
CA VAL A 272 -38.11 -7.98 -9.37
C VAL A 272 -37.88 -8.85 -8.14
N VAL A 273 -38.82 -9.78 -7.90
CA VAL A 273 -38.70 -10.71 -6.77
C VAL A 273 -37.37 -11.51 -6.80
N ALA A 274 -37.04 -12.10 -7.95
CA ALA A 274 -35.86 -12.94 -8.09
C ALA A 274 -34.53 -12.16 -7.98
N ALA A 275 -34.53 -10.94 -8.52
CA ALA A 275 -33.36 -10.07 -8.54
C ALA A 275 -33.11 -9.61 -7.14
N ARG A 276 -34.19 -9.15 -6.50
CA ARG A 276 -34.18 -8.80 -5.11
C ARG A 276 -33.66 -9.93 -4.20
N GLU A 277 -33.86 -11.18 -4.61
CA GLU A 277 -33.36 -12.32 -3.84
C GLU A 277 -31.89 -12.56 -4.05
N ILE A 278 -31.42 -12.50 -5.29
CA ILE A 278 -30.02 -12.78 -5.58
C ILE A 278 -29.22 -11.68 -4.90
N TRP A 279 -29.76 -10.48 -4.96
CA TRP A 279 -29.11 -9.39 -4.30
C TRP A 279 -28.97 -9.63 -2.79
N ARG A 280 -30.11 -9.84 -2.10
CA ARG A 280 -30.14 -9.71 -0.62
C ARG A 280 -29.50 -10.95 0.01
N THR A 281 -29.12 -11.88 -0.85
CA THR A 281 -28.65 -13.19 -0.46
C THR A 281 -27.20 -13.46 -0.89
N ILE A 282 -26.81 -12.97 -2.05
CA ILE A 282 -25.41 -13.09 -2.47
C ILE A 282 -24.65 -11.77 -2.59
N ASN A 283 -25.12 -10.82 -3.40
CA ASN A 283 -24.33 -9.60 -3.66
C ASN A 283 -24.33 -8.58 -2.55
N ARG A 284 -25.43 -8.39 -1.90
CA ARG A 284 -25.43 -7.45 -0.81
C ARG A 284 -24.51 -7.90 0.38
N PRO A 285 -24.56 -9.21 0.75
CA PRO A 285 -23.66 -9.68 1.81
C PRO A 285 -22.18 -9.60 1.41
N ASN A 286 -21.87 -9.88 0.17
CA ASN A 286 -20.51 -9.71 -0.29
C ASN A 286 -20.09 -8.24 -0.14
N LEU A 287 -20.94 -7.32 -0.61
CA LEU A 287 -20.67 -5.92 -0.38
C LEU A 287 -20.33 -5.58 1.09
N VAL A 288 -21.18 -6.02 2.01
CA VAL A 288 -21.08 -5.57 3.41
C VAL A 288 -19.87 -6.18 4.15
N GLU A 289 -19.53 -7.40 3.78
CA GLU A 289 -18.51 -8.13 4.47
C GLU A 289 -17.15 -7.83 3.87
N ASN A 290 -17.00 -8.10 2.58
CA ASN A 290 -15.76 -8.08 1.85
C ASN A 290 -15.42 -6.85 1.00
N ILE A 291 -16.41 -6.11 0.49
CA ILE A 291 -16.10 -5.02 -0.45
C ILE A 291 -16.11 -3.68 0.29
N LEU A 292 -17.18 -3.38 0.99
CA LEU A 292 -17.24 -2.08 1.69
C LEU A 292 -16.08 -1.77 2.74
N PRO A 293 -15.60 -2.80 3.46
CA PRO A 293 -14.44 -2.58 4.36
C PRO A 293 -13.17 -2.21 3.62
N THR A 294 -13.18 -2.26 2.30
CA THR A 294 -11.97 -1.90 1.59
C THR A 294 -11.98 -0.46 1.15
N ARG A 295 -13.12 0.21 1.35
CA ARG A 295 -13.30 1.55 0.86
C ARG A 295 -12.24 2.53 1.44
N PRO A 296 -11.94 2.43 2.75
CA PRO A 296 -10.93 3.43 3.14
C PRO A 296 -9.49 3.16 2.63
N ARG A 297 -9.25 2.10 1.86
CA ARG A 297 -7.87 1.85 1.42
C ARG A 297 -7.63 2.49 0.08
N ALA A 298 -8.67 3.02 -0.54
CA ALA A 298 -8.56 3.66 -1.83
C ALA A 298 -7.93 5.04 -1.72
N THR A 299 -7.13 5.43 -2.71
CA THR A 299 -6.62 6.80 -2.84
C THR A 299 -7.77 7.78 -3.09
N LEU A 300 -8.76 7.33 -3.88
CA LEU A 300 -9.92 8.19 -4.18
C LEU A 300 -11.28 7.45 -4.09
N VAL A 301 -12.22 8.04 -3.36
CA VAL A 301 -13.57 7.48 -3.25
C VAL A 301 -14.54 8.38 -4.05
N LEU A 302 -15.13 7.81 -5.09
CA LEU A 302 -16.19 8.48 -5.85
C LEU A 302 -17.59 8.06 -5.42
N ARG A 303 -18.34 8.97 -4.80
CA ARG A 303 -19.67 8.64 -4.40
C ARG A 303 -20.73 9.14 -5.44
N LYS A 304 -21.59 8.24 -5.89
CA LYS A 304 -22.68 8.56 -6.84
C LYS A 304 -24.05 8.71 -6.18
N ASP A 305 -24.79 9.74 -6.57
CA ASP A 305 -26.23 9.85 -6.31
C ASP A 305 -27.09 8.73 -6.95
N ALA A 306 -28.35 8.62 -6.54
CA ALA A 306 -29.31 7.68 -7.15
C ALA A 306 -29.38 7.74 -8.68
N ASP A 307 -29.16 8.92 -9.27
CA ASP A 307 -29.23 9.04 -10.72
C ASP A 307 -27.93 8.69 -11.47
N HIS A 308 -26.94 8.12 -10.77
CA HIS A 308 -25.60 7.84 -11.33
C HIS A 308 -24.64 9.02 -11.42
N SER A 309 -25.09 10.22 -11.06
CA SER A 309 -24.20 11.36 -11.09
C SER A 309 -23.37 11.41 -9.78
N ILE A 310 -22.11 11.80 -9.90
CA ILE A 310 -21.20 11.88 -8.76
C ILE A 310 -21.59 13.05 -7.90
N ASN A 311 -21.49 12.90 -6.58
CA ASN A 311 -21.83 13.98 -5.67
C ASN A 311 -20.83 14.24 -4.50
N ARG A 312 -19.83 13.36 -4.35
CA ARG A 312 -18.69 13.57 -3.43
C ARG A 312 -17.46 12.92 -4.04
N LEU A 313 -16.34 13.64 -4.03
CA LEU A 313 -15.04 13.02 -4.17
C LEU A 313 -14.31 13.19 -2.86
N ARG A 314 -13.67 12.10 -2.41
CA ARG A 314 -12.75 12.12 -1.27
C ARG A 314 -11.41 11.63 -1.76
N LEU A 315 -10.45 12.52 -1.67
CA LEU A 315 -9.11 12.27 -2.17
C LEU A 315 -8.09 12.39 -1.01
N ARG A 316 -7.18 11.41 -0.93
CA ARG A 316 -6.10 11.36 0.11
C ARG A 316 -5.18 12.52 -0.03
N LYS A 317 -4.97 13.24 1.07
CA LYS A 317 -4.04 14.40 1.00
C LYS A 317 -2.68 13.96 0.49
N LEU A 318 -2.06 14.82 -0.31
CA LEU A 318 -0.74 14.52 -0.86
C LEU A 318 0.39 14.92 0.11
N PRO B 13 12.46 -12.91 -14.28
CA PRO B 13 12.12 -11.49 -14.16
C PRO B 13 11.31 -11.20 -12.90
N SER B 14 11.75 -10.19 -12.15
CA SER B 14 11.24 -9.88 -10.80
C SER B 14 10.79 -8.42 -10.68
N PRO B 15 10.01 -8.10 -9.62
CA PRO B 15 9.62 -6.68 -9.41
C PRO B 15 10.70 -5.86 -8.69
N TYR B 16 11.83 -6.49 -8.39
CA TYR B 16 12.92 -5.85 -7.66
C TYR B 16 14.11 -5.59 -8.54
N VAL B 17 14.78 -4.46 -8.31
CA VAL B 17 16.19 -4.32 -8.73
C VAL B 17 17.10 -4.75 -7.56
N GLU B 18 18.03 -5.63 -7.86
CA GLU B 18 18.96 -6.19 -6.89
C GLU B 18 20.40 -5.63 -7.05
N PHE B 19 21.02 -5.24 -5.94
CA PHE B 19 22.42 -4.80 -5.89
C PHE B 19 23.24 -5.57 -4.86
N ASP B 20 24.42 -6.07 -5.25
CA ASP B 20 25.36 -6.57 -4.24
C ASP B 20 26.12 -5.40 -3.60
N ARG B 21 26.90 -5.74 -2.57
CA ARG B 21 27.77 -4.82 -1.83
C ARG B 21 28.62 -3.94 -2.75
N ARG B 22 29.34 -4.59 -3.66
CA ARG B 22 30.23 -3.96 -4.64
C ARG B 22 29.61 -2.82 -5.51
N GLN B 23 28.54 -3.14 -6.24
CA GLN B 23 27.83 -2.17 -7.07
C GLN B 23 27.23 -1.08 -6.20
N TRP B 24 26.62 -1.46 -5.09
CA TRP B 24 26.06 -0.43 -4.25
C TRP B 24 27.12 0.54 -3.81
N ARG B 25 28.18 0.01 -3.20
CA ARG B 25 29.32 0.81 -2.74
C ARG B 25 29.85 1.71 -3.87
N ALA B 26 30.01 1.11 -5.06
CA ALA B 26 30.60 1.77 -6.23
C ALA B 26 29.92 3.07 -6.62
N LEU B 27 29.97 4.02 -5.67
CA LEU B 27 29.34 5.36 -5.69
C LEU B 27 29.57 6.13 -6.99
N ARG B 28 29.06 5.57 -8.09
CA ARG B 28 28.98 6.19 -9.42
C ARG B 28 28.06 7.40 -9.37
N MET B 29 27.13 7.32 -8.42
CA MET B 29 26.28 8.40 -7.92
C MET B 29 27.13 9.66 -7.75
N SER B 30 27.34 10.39 -8.84
CA SER B 30 28.47 11.33 -8.96
C SER B 30 28.39 12.65 -8.14
N THR B 31 27.63 12.64 -7.05
CA THR B 31 27.93 13.55 -5.94
C THR B 31 29.16 12.92 -5.32
N PRO B 32 30.24 13.70 -5.14
CA PRO B 32 31.27 13.19 -4.25
C PRO B 32 30.66 12.95 -2.86
N LEU B 33 29.69 12.03 -2.78
CA LEU B 33 28.96 11.73 -1.55
C LEU B 33 29.91 11.32 -0.43
N ALA B 34 30.27 12.32 0.37
CA ALA B 34 31.17 12.20 1.52
C ALA B 34 30.65 13.13 2.60
N LEU B 35 30.57 12.62 3.81
CA LEU B 35 30.19 13.42 4.95
C LEU B 35 31.34 14.32 5.38
N THR B 36 31.01 15.30 6.22
CA THR B 36 31.98 16.19 6.81
C THR B 36 32.32 15.69 8.21
N GLU B 37 33.36 16.25 8.82
CA GLU B 37 33.80 15.81 10.15
C GLU B 37 32.83 16.20 11.28
N GLU B 38 32.17 17.35 11.14
CA GLU B 38 31.09 17.72 12.07
C GLU B 38 30.07 16.59 12.12
N GLU B 39 29.62 16.15 10.95
CA GLU B 39 28.55 15.16 10.84
C GLU B 39 28.97 13.79 11.39
N LEU B 40 30.18 13.36 11.05
CA LEU B 40 30.70 12.06 11.48
C LEU B 40 30.81 11.97 12.99
N VAL B 41 31.16 13.10 13.60
CA VAL B 41 31.15 13.20 15.05
C VAL B 41 29.73 12.97 15.58
N GLY B 42 28.77 13.72 15.04
CA GLY B 42 27.35 13.54 15.37
C GLY B 42 26.87 12.09 15.27
N LEU B 43 27.39 11.36 14.28
CA LEU B 43 26.92 10.00 13.99
C LEU B 43 27.50 8.91 14.88
N ARG B 44 28.73 9.12 15.32
CA ARG B 44 29.28 8.40 16.46
C ARG B 44 28.27 8.41 17.61
N GLY B 45 27.63 9.57 17.79
CA GLY B 45 26.75 9.87 18.94
C GLY B 45 25.45 9.07 19.04
N LEU B 46 25.36 7.99 18.29
CA LEU B 46 24.27 7.03 18.42
C LEU B 46 24.87 5.69 18.80
N GLY B 47 26.08 5.75 19.34
CA GLY B 47 27.01 4.60 19.56
C GLY B 47 26.52 3.21 19.93
N GLU B 48 25.98 2.51 18.94
CA GLU B 48 25.83 1.05 18.99
C GLU B 48 27.08 0.50 18.27
N GLN B 49 28.25 0.93 18.76
CA GLN B 49 29.54 0.69 18.09
C GLN B 49 29.43 0.92 16.59
N ILE B 50 28.80 2.04 16.23
CA ILE B 50 28.39 2.33 14.85
C ILE B 50 29.56 2.51 13.91
N ASP B 51 29.47 1.86 12.76
CA ASP B 51 30.55 1.81 11.79
C ASP B 51 30.35 2.92 10.78
N LEU B 52 31.05 4.02 10.95
CA LEU B 52 30.91 5.17 10.05
C LEU B 52 31.26 4.89 8.56
N LEU B 53 32.01 3.83 8.27
CA LEU B 53 32.23 3.45 6.86
C LEU B 53 30.94 2.98 6.15
N GLU B 54 30.07 2.27 6.88
CA GLU B 54 28.76 1.83 6.36
C GLU B 54 27.80 2.99 6.22
N VAL B 55 27.88 3.96 7.13
CA VAL B 55 27.03 5.14 7.06
C VAL B 55 27.33 5.86 5.75
N GLU B 56 28.62 6.05 5.48
CA GLU B 56 28.99 6.84 4.34
C GLU B 56 28.89 6.00 3.06
N GLU B 57 29.20 4.72 3.09
CA GLU B 57 29.22 3.99 1.81
C GLU B 57 27.87 3.36 1.44
N VAL B 58 26.97 3.27 2.43
CA VAL B 58 25.74 2.53 2.22
C VAL B 58 24.52 3.34 2.60
N TYR B 59 24.46 3.83 3.83
CA TYR B 59 23.30 4.58 4.27
C TYR B 59 23.17 5.96 3.66
N LEU B 60 24.28 6.52 3.17
CA LEU B 60 24.19 7.85 2.57
C LEU B 60 23.54 7.78 1.17
N PRO B 61 24.05 6.88 0.29
CA PRO B 61 23.30 6.64 -0.93
C PRO B 61 21.80 6.34 -0.69
N LEU B 62 21.49 5.70 0.43
CA LEU B 62 20.13 5.29 0.69
C LEU B 62 19.27 6.48 1.09
N ALA B 63 19.77 7.32 1.96
CA ALA B 63 19.12 8.58 2.27
C ALA B 63 18.88 9.37 0.98
N ARG B 64 19.75 9.16 -0.02
CA ARG B 64 19.69 9.93 -1.23
C ARG B 64 18.53 9.43 -2.13
N LEU B 65 18.49 8.14 -2.39
CA LEU B 65 17.38 7.51 -3.08
C LEU B 65 16.04 7.92 -2.42
N ILE B 66 15.97 7.88 -1.09
CA ILE B 66 14.73 8.24 -0.39
C ILE B 66 14.45 9.73 -0.55
N HIS B 67 15.51 10.53 -0.58
CA HIS B 67 15.36 11.94 -0.81
C HIS B 67 14.67 12.25 -2.15
N LEU B 68 15.00 11.46 -3.18
CA LEU B 68 14.43 11.72 -4.49
C LEU B 68 12.90 11.53 -4.44
N GLN B 69 12.43 10.59 -3.60
CA GLN B 69 11.02 10.27 -3.50
C GLN B 69 10.30 11.30 -2.70
N VAL B 70 10.95 11.83 -1.69
CA VAL B 70 10.34 12.89 -0.90
C VAL B 70 10.22 14.15 -1.71
N ALA B 71 11.23 14.46 -2.52
CA ALA B 71 11.19 15.69 -3.30
C ALA B 71 10.16 15.54 -4.41
N ALA B 72 10.11 14.36 -5.02
CA ALA B 72 9.06 14.09 -6.01
C ALA B 72 7.68 14.26 -5.39
N ARG B 73 7.42 13.65 -4.25
CA ARG B 73 6.11 13.82 -3.63
C ARG B 73 5.79 15.30 -3.35
N GLN B 74 6.80 16.09 -3.03
CA GLN B 74 6.60 17.53 -2.74
C GLN B 74 6.25 18.40 -3.96
N ARG B 75 6.83 18.08 -5.12
CA ARG B 75 6.39 18.78 -6.30
C ARG B 75 5.01 18.26 -6.83
N LEU B 76 4.74 16.95 -6.72
CA LEU B 76 3.40 16.44 -6.99
C LEU B 76 2.37 17.15 -6.10
N PHE B 77 2.72 17.44 -4.87
CA PHE B 77 1.80 18.21 -4.06
C PHE B 77 1.60 19.58 -4.68
N ALA B 78 2.68 20.20 -5.17
CA ALA B 78 2.55 21.56 -5.70
C ALA B 78 1.74 21.57 -6.99
N ALA B 79 2.08 20.68 -7.92
CA ALA B 79 1.36 20.55 -9.17
C ALA B 79 -0.16 20.30 -8.93
N THR B 80 -0.48 19.33 -8.07
CA THR B 80 -1.85 19.02 -7.67
C THR B 80 -2.60 20.20 -7.03
N ALA B 81 -1.94 20.92 -6.16
CA ALA B 81 -2.53 22.11 -5.51
C ALA B 81 -2.81 23.19 -6.52
N GLU B 82 -1.95 23.29 -7.52
CA GLU B 82 -2.08 24.28 -8.54
C GLU B 82 -3.29 23.93 -9.41
N PHE B 83 -3.34 22.67 -9.84
CA PHE B 83 -4.45 22.14 -10.62
C PHE B 83 -5.80 22.35 -9.95
N LEU B 84 -5.91 22.05 -8.67
CA LEU B 84 -7.18 22.21 -7.98
C LEU B 84 -7.47 23.65 -7.65
N GLY B 85 -6.83 24.59 -8.35
CA GLY B 85 -6.86 26.02 -8.03
C GLY B 85 -6.74 26.40 -6.55
N GLU B 86 -5.94 25.65 -5.79
CA GLU B 86 -5.78 25.81 -4.33
C GLU B 86 -6.98 26.37 -3.55
N PRO B 87 -7.97 25.49 -3.28
CA PRO B 87 -9.15 25.79 -2.47
C PRO B 87 -8.91 25.63 -0.96
N GLN B 88 -9.78 26.28 -0.16
CA GLN B 88 -9.68 26.32 1.30
C GLN B 88 -9.45 24.96 1.98
N GLN B 89 -10.11 23.92 1.47
CA GLN B 89 -10.07 22.61 2.11
C GLN B 89 -8.79 21.85 1.83
N ASN B 90 -8.05 22.27 0.80
CA ASN B 90 -6.71 21.74 0.57
C ASN B 90 -5.69 22.34 1.57
N PRO B 91 -4.87 21.47 2.22
CA PRO B 91 -3.71 21.89 3.03
C PRO B 91 -2.75 22.84 2.31
N ASP B 92 -1.97 23.60 3.10
CA ASP B 92 -1.04 24.61 2.56
C ASP B 92 0.34 24.06 2.23
N ARG B 93 0.75 22.96 2.86
CA ARG B 93 1.99 22.22 2.54
C ARG B 93 1.67 20.72 2.44
N PRO B 94 2.60 19.93 1.89
CA PRO B 94 2.44 18.46 1.97
C PRO B 94 2.35 17.93 3.41
N VAL B 95 1.55 16.89 3.62
CA VAL B 95 1.53 16.18 4.88
C VAL B 95 2.85 15.44 5.09
N PRO B 96 3.17 15.05 6.33
CA PRO B 96 4.38 14.29 6.55
C PRO B 96 4.52 13.09 5.60
N PHE B 97 5.69 12.90 5.05
CA PHE B 97 6.05 11.70 4.27
C PHE B 97 6.47 10.60 5.29
N ILE B 98 5.84 9.43 5.27
CA ILE B 98 6.08 8.46 6.32
C ILE B 98 6.83 7.23 5.81
N ILE B 99 7.94 6.92 6.50
CA ILE B 99 8.76 5.77 6.17
C ILE B 99 8.58 4.69 7.27
N GLY B 100 8.34 3.46 6.84
CA GLY B 100 8.21 2.37 7.76
C GLY B 100 9.52 1.62 7.79
N VAL B 101 9.94 1.20 8.99
CA VAL B 101 11.11 0.31 9.17
C VAL B 101 10.76 -0.96 9.94
N ALA B 102 10.91 -2.09 9.27
CA ALA B 102 10.52 -3.38 9.81
C ALA B 102 11.69 -4.32 9.86
N GLY B 103 11.57 -5.33 10.73
CA GLY B 103 12.51 -6.46 10.82
C GLY B 103 12.40 -7.17 12.17
N SER B 104 13.13 -8.27 12.28
CA SER B 104 13.24 -9.05 13.52
C SER B 104 13.73 -8.24 14.71
N VAL B 105 13.42 -8.68 15.92
CA VAL B 105 14.07 -8.11 17.15
C VAL B 105 15.57 -8.33 16.94
N ALA B 106 16.42 -7.35 17.28
CA ALA B 106 17.90 -7.52 17.21
C ALA B 106 18.59 -7.49 15.82
N VAL B 107 17.83 -7.29 14.74
CA VAL B 107 18.46 -7.14 13.42
C VAL B 107 19.00 -5.71 13.24
N GLY B 108 18.60 -4.79 14.11
CA GLY B 108 19.10 -3.40 14.00
C GLY B 108 18.16 -2.39 13.35
N LYS B 109 16.85 -2.58 13.52
CA LYS B 109 15.85 -1.62 13.03
C LYS B 109 16.12 -0.23 13.60
N SER B 110 16.44 -0.17 14.88
CA SER B 110 16.44 1.10 15.57
C SER B 110 17.66 1.90 15.20
N THR B 111 18.73 1.17 14.92
CA THR B 111 19.95 1.81 14.51
C THR B 111 19.80 2.34 13.10
N THR B 112 19.39 1.50 12.16
CA THR B 112 19.04 1.95 10.82
C THR B 112 18.14 3.21 10.86
N ALA B 113 17.06 3.13 11.62
CA ALA B 113 16.15 4.24 11.71
C ALA B 113 16.78 5.52 12.22
N ARG B 114 17.63 5.42 13.24
CA ARG B 114 18.23 6.62 13.82
C ARG B 114 19.21 7.30 12.85
N VAL B 115 19.95 6.46 12.14
CA VAL B 115 20.86 6.89 11.12
C VAL B 115 20.11 7.60 9.95
N LEU B 116 18.97 7.05 9.53
CA LEU B 116 18.21 7.70 8.45
C LEU B 116 17.63 8.99 8.93
N GLN B 117 17.14 9.03 10.17
CA GLN B 117 16.59 10.28 10.67
C GLN B 117 17.66 11.34 10.46
N ALA B 118 18.93 10.95 10.71
CA ALA B 118 20.05 11.92 10.79
C ALA B 118 20.47 12.38 9.41
N LEU B 119 20.68 11.40 8.53
CA LEU B 119 21.04 11.68 7.16
C LEU B 119 19.97 12.48 6.46
N LEU B 120 18.69 12.08 6.61
CA LEU B 120 17.62 12.72 5.80
C LEU B 120 17.40 14.16 6.23
N ALA B 121 17.72 14.49 7.47
CA ALA B 121 17.49 15.87 7.92
C ALA B 121 18.53 16.81 7.31
N ARG B 122 19.52 16.26 6.62
CA ARG B 122 20.56 17.11 6.02
C ARG B 122 20.03 17.98 4.87
N TRP B 123 19.01 17.51 4.15
CA TRP B 123 18.47 18.28 3.03
C TRP B 123 17.54 19.38 3.53
N ASP B 124 17.72 20.57 2.95
CA ASP B 124 16.84 21.73 3.16
C ASP B 124 15.37 21.52 2.75
N HIS B 125 15.16 20.63 1.77
CA HIS B 125 13.80 20.18 1.36
C HIS B 125 13.00 19.58 2.55
N HIS B 126 13.68 18.88 3.46
CA HIS B 126 12.96 18.25 4.56
C HIS B 126 13.81 18.12 5.84
N PRO B 127 13.99 19.23 6.56
CA PRO B 127 14.93 19.15 7.69
C PRO B 127 14.32 18.63 8.99
N ARG B 128 12.99 18.73 9.12
CA ARG B 128 12.40 18.28 10.36
C ARG B 128 11.97 16.80 10.22
N VAL B 129 12.72 15.91 10.85
CA VAL B 129 12.45 14.48 10.71
C VAL B 129 12.24 13.76 12.04
N ASP B 130 11.04 13.22 12.24
CA ASP B 130 10.72 12.50 13.48
C ASP B 130 10.84 11.00 13.35
N LEU B 131 10.97 10.35 14.51
CA LEU B 131 11.10 8.92 14.65
C LEU B 131 10.26 8.49 15.80
N VAL B 132 9.37 7.54 15.55
CA VAL B 132 8.55 6.95 16.58
C VAL B 132 8.70 5.46 16.45
N THR B 133 8.74 4.78 17.59
CA THR B 133 8.76 3.31 17.59
C THR B 133 7.39 2.76 17.95
N THR B 134 6.97 1.67 17.32
CA THR B 134 5.66 1.14 17.74
C THR B 134 5.63 0.53 19.15
N ASP B 135 6.82 0.39 19.74
CA ASP B 135 6.97 -0.05 21.13
C ASP B 135 5.95 0.69 22.01
N GLY B 136 5.85 2.01 21.82
CA GLY B 136 4.92 2.83 22.56
C GLY B 136 3.45 2.46 22.45
N PHE B 137 3.11 1.61 21.48
CA PHE B 137 1.71 1.22 21.34
C PHE B 137 1.36 -0.18 21.82
N LEU B 138 2.32 -0.85 22.45
CA LEU B 138 2.03 -2.10 23.18
C LEU B 138 1.09 -1.75 24.31
N TYR B 139 0.16 -2.66 24.61
CA TYR B 139 -0.66 -2.54 25.82
C TYR B 139 0.24 -2.54 27.09
N PRO B 140 -0.08 -1.71 28.09
CA PRO B 140 0.52 -1.83 29.42
C PRO B 140 0.48 -3.28 29.95
N ASN B 141 1.55 -3.67 30.64
CA ASN B 141 1.60 -4.95 31.35
C ASN B 141 0.28 -5.35 32.04
N ALA B 142 -0.28 -4.43 32.82
CA ALA B 142 -1.52 -4.71 33.53
C ALA B 142 -2.65 -5.14 32.57
N GLU B 143 -2.75 -4.44 31.45
CA GLU B 143 -3.72 -4.76 30.42
C GLU B 143 -3.37 -6.08 29.69
N LEU B 144 -2.11 -6.26 29.29
CA LEU B 144 -1.63 -7.53 28.73
C LEU B 144 -1.98 -8.72 29.64
N GLN B 145 -1.82 -8.53 30.97
CA GLN B 145 -2.19 -9.56 31.96
C GLN B 145 -3.69 -9.85 31.91
N ARG B 146 -4.48 -8.79 32.03
CA ARG B 146 -5.94 -8.87 31.91
C ARG B 146 -6.38 -9.68 30.70
N ARG B 147 -5.61 -9.64 29.62
CA ARG B 147 -5.93 -10.40 28.39
C ARG B 147 -5.21 -11.73 28.25
N ASN B 148 -4.40 -12.11 29.23
CA ASN B 148 -3.58 -13.30 29.07
C ASN B 148 -2.66 -13.19 27.86
N LEU B 149 -2.00 -12.04 27.68
CA LEU B 149 -1.11 -11.91 26.50
C LEU B 149 0.35 -11.66 26.85
N MET B 150 0.66 -11.66 28.15
CA MET B 150 2.03 -11.48 28.62
C MET B 150 3.09 -12.28 27.90
N HIS B 151 2.80 -13.51 27.54
CA HIS B 151 3.79 -14.38 26.93
C HIS B 151 3.82 -14.08 25.44
N ARG B 152 3.09 -13.04 25.06
CA ARG B 152 3.00 -12.69 23.67
C ARG B 152 3.39 -11.26 23.27
N LYS B 153 4.14 -10.57 24.12
CA LYS B 153 4.70 -9.23 23.78
C LYS B 153 5.47 -9.24 22.46
N GLY B 154 5.08 -8.32 21.57
CA GLY B 154 5.65 -8.26 20.23
C GLY B 154 4.98 -9.11 19.19
N PHE B 155 3.88 -9.79 19.58
CA PHE B 155 3.02 -10.43 18.60
C PHE B 155 1.91 -9.42 18.27
N PRO B 156 1.27 -9.59 17.09
CA PRO B 156 0.38 -8.53 16.58
C PRO B 156 -0.64 -8.05 17.60
N GLU B 157 -1.20 -8.98 18.40
CA GLU B 157 -2.32 -8.63 19.27
C GLU B 157 -1.91 -8.01 20.56
N SER B 158 -0.61 -7.94 20.82
CA SER B 158 -0.12 -7.29 22.05
C SER B 158 -0.05 -5.79 21.89
N TYR B 159 -0.39 -5.29 20.70
CA TYR B 159 -0.42 -3.85 20.44
C TYR B 159 -1.83 -3.41 20.39
N ASN B 160 -2.09 -2.23 20.94
CA ASN B 160 -3.32 -1.50 20.73
C ASN B 160 -3.37 -0.97 19.28
N ARG B 161 -3.88 -1.79 18.38
CA ARG B 161 -3.90 -1.48 16.97
C ARG B 161 -4.73 -0.24 16.64
N ARG B 162 -5.80 -0.02 17.41
CA ARG B 162 -6.70 1.13 17.20
C ARG B 162 -5.99 2.43 17.50
N ALA B 163 -5.27 2.47 18.61
CA ALA B 163 -4.52 3.65 18.96
C ALA B 163 -3.44 3.96 17.92
N LEU B 164 -2.77 2.92 17.46
CA LEU B 164 -1.68 3.10 16.49
C LEU B 164 -2.25 3.62 15.18
N MET B 165 -3.39 3.06 14.76
CA MET B 165 -4.05 3.57 13.53
C MET B 165 -4.53 5.00 13.72
N ARG B 166 -5.15 5.31 14.85
CA ARG B 166 -5.52 6.70 15.15
C ARG B 166 -4.30 7.63 15.11
N PHE B 167 -3.18 7.18 15.71
CA PHE B 167 -1.96 7.98 15.70
C PHE B 167 -1.48 8.32 14.29
N VAL B 168 -1.30 7.32 13.44
CA VAL B 168 -0.73 7.56 12.14
C VAL B 168 -1.70 8.33 11.24
N THR B 169 -2.98 8.02 11.33
CA THR B 169 -4.00 8.72 10.56
C THR B 169 -3.95 10.21 10.88
N SER B 170 -3.92 10.53 12.16
CA SER B 170 -3.83 11.91 12.57
C SER B 170 -2.55 12.58 12.00
N VAL B 171 -1.47 11.83 11.84
CA VAL B 171 -0.25 12.41 11.30
C VAL B 171 -0.39 12.70 9.81
N LYS B 172 -0.93 11.71 9.12
CA LYS B 172 -1.30 11.78 7.70
C LYS B 172 -2.38 12.79 7.40
N SER B 173 -3.19 13.13 8.40
CA SER B 173 -4.20 14.16 8.27
C SER B 173 -3.58 15.54 8.11
N GLY B 174 -2.34 15.68 8.57
CA GLY B 174 -1.68 16.98 8.66
C GLY B 174 -2.14 17.72 9.90
N SER B 175 -2.41 16.99 10.98
CA SER B 175 -2.64 17.62 12.28
C SER B 175 -1.40 18.38 12.76
N ASP B 176 -1.62 19.41 13.55
CA ASP B 176 -0.52 20.15 14.14
C ASP B 176 0.09 19.37 15.31
N TYR B 177 -0.62 18.34 15.78
CA TYR B 177 -0.37 17.71 17.07
C TYR B 177 -0.86 16.25 17.01
N ALA B 178 0.05 15.30 17.17
CA ALA B 178 -0.32 13.91 17.35
C ALA B 178 0.52 13.35 18.49
N CYS B 179 -0.10 12.60 19.40
CA CYS B 179 0.60 12.05 20.57
C CYS B 179 0.77 10.56 20.54
N ALA B 180 1.98 10.07 20.83
CA ALA B 180 2.19 8.64 21.06
C ALA B 180 2.59 8.38 22.53
N PRO B 181 2.22 7.21 23.08
CA PRO B 181 2.75 6.86 24.40
C PRO B 181 4.18 6.36 24.29
N VAL B 182 4.82 6.22 25.45
CA VAL B 182 6.23 5.85 25.55
C VAL B 182 6.41 4.53 26.29
N TYR B 183 7.25 3.66 25.73
CA TYR B 183 7.59 2.41 26.37
C TYR B 183 9.00 2.48 26.93
N SER B 184 9.16 2.11 28.20
CA SER B 184 10.51 1.89 28.78
C SER B 184 10.94 0.43 28.63
N HIS B 185 12.03 0.15 27.93
CA HIS B 185 12.55 -1.24 27.90
C HIS B 185 13.17 -1.67 29.26
N LEU B 186 13.80 -0.71 29.94
CA LEU B 186 14.32 -0.90 31.28
C LEU B 186 13.26 -1.52 32.17
N HIS B 187 12.07 -0.93 32.16
CA HIS B 187 10.99 -1.35 33.05
C HIS B 187 10.09 -2.43 32.44
N TYR B 188 10.42 -2.88 31.22
CA TYR B 188 9.52 -3.76 30.45
C TYR B 188 8.06 -3.28 30.46
N ASP B 189 7.86 -1.97 30.35
CA ASP B 189 6.49 -1.44 30.42
C ASP B 189 6.32 -0.03 29.85
N ILE B 190 5.07 0.26 29.50
CA ILE B 190 4.61 1.59 29.15
C ILE B 190 4.80 2.52 30.33
N ILE B 191 5.37 3.69 30.04
CA ILE B 191 5.51 4.72 31.05
C ILE B 191 4.21 5.52 31.21
N PRO B 192 3.57 5.39 32.38
CA PRO B 192 2.33 6.11 32.70
C PRO B 192 2.51 7.64 32.71
N GLY B 193 1.76 8.34 31.87
CA GLY B 193 1.82 9.80 31.80
C GLY B 193 2.76 10.37 30.75
N ALA B 194 3.71 9.56 30.27
CA ALA B 194 4.63 10.01 29.22
C ALA B 194 3.99 10.04 27.81
N GLU B 195 4.44 11.00 27.00
CA GLU B 195 3.93 11.17 25.65
C GLU B 195 4.99 11.76 24.74
N GLN B 196 5.13 11.24 23.53
CA GLN B 196 5.94 11.91 22.53
C GLN B 196 5.02 12.69 21.57
N VAL B 197 5.25 14.00 21.48
CA VAL B 197 4.50 14.87 20.59
C VAL B 197 5.16 14.98 19.22
N VAL B 198 4.37 14.77 18.18
CA VAL B 198 4.80 14.90 16.78
C VAL B 198 4.00 16.06 16.16
N ARG B 199 4.70 17.04 15.59
CA ARG B 199 4.04 18.25 15.07
C ARG B 199 4.40 18.43 13.63
N HIS B 200 3.58 17.83 12.76
CA HIS B 200 3.73 17.93 11.33
C HIS B 200 5.18 17.95 10.87
N PRO B 201 5.98 16.93 11.18
CA PRO B 201 7.33 16.93 10.60
C PRO B 201 7.28 16.72 9.09
N ASP B 202 8.37 16.99 8.39
CA ASP B 202 8.42 16.70 6.98
C ASP B 202 8.47 15.21 6.74
N ILE B 203 9.19 14.49 7.59
CA ILE B 203 9.33 13.06 7.47
C ILE B 203 9.06 12.51 8.84
N LEU B 204 8.41 11.36 8.86
CA LEU B 204 8.25 10.66 10.12
C LEU B 204 8.64 9.23 9.82
N ILE B 205 9.66 8.73 10.54
CA ILE B 205 10.06 7.34 10.44
C ILE B 205 9.29 6.57 11.47
N LEU B 206 8.78 5.41 11.09
CA LEU B 206 8.04 4.59 12.04
C LEU B 206 8.65 3.22 12.05
N GLU B 207 9.22 2.85 13.21
CA GLU B 207 10.05 1.65 13.36
C GLU B 207 9.34 0.66 14.27
N GLY B 208 9.36 -0.60 13.90
CA GLY B 208 8.64 -1.59 14.68
C GLY B 208 8.60 -2.97 14.06
N LEU B 209 8.34 -3.97 14.89
CA LEU B 209 8.22 -5.34 14.39
C LEU B 209 7.07 -5.49 13.38
N ASN B 210 6.01 -4.71 13.60
CA ASN B 210 4.72 -5.02 13.05
C ASN B 210 4.32 -4.01 11.99
N VAL B 211 5.26 -3.19 11.53
CA VAL B 211 4.79 -2.02 10.76
C VAL B 211 4.25 -2.44 9.38
N LEU B 212 4.72 -3.58 8.87
CA LEU B 212 4.30 -4.05 7.57
C LEU B 212 3.28 -5.19 7.67
N GLN B 213 2.72 -5.38 8.87
CA GLN B 213 1.68 -6.38 9.06
C GLN B 213 0.30 -6.05 8.47
N THR B 214 -0.26 -7.11 7.93
CA THR B 214 -1.54 -7.17 7.24
C THR B 214 -2.67 -7.23 8.22
N GLY B 215 -3.72 -6.47 7.96
CA GLY B 215 -4.88 -6.40 8.84
C GLY B 215 -6.15 -6.65 8.06
N PRO B 216 -7.23 -7.03 8.76
CA PRO B 216 -8.48 -7.28 8.04
C PRO B 216 -8.92 -6.06 7.24
N THR B 217 -8.93 -4.90 7.89
CA THR B 217 -9.44 -3.65 7.32
C THR B 217 -8.32 -2.66 6.86
N LEU B 218 -8.45 -1.37 7.13
CA LEU B 218 -7.31 -0.44 6.98
C LEU B 218 -6.23 -0.76 8.03
N MET B 219 -4.96 -0.67 7.60
CA MET B 219 -3.79 -1.06 8.38
C MET B 219 -2.82 0.12 8.33
N VAL B 220 -1.79 0.14 9.20
CA VAL B 220 -0.87 1.30 9.21
C VAL B 220 -0.09 1.47 7.92
N SER B 221 0.34 0.38 7.29
CA SER B 221 1.18 0.55 6.15
C SER B 221 0.46 1.21 4.94
N ASP B 222 -0.87 1.14 4.91
CA ASP B 222 -1.62 1.91 3.89
C ASP B 222 -1.32 3.43 3.97
N LEU B 223 -0.66 3.89 5.03
CA LEU B 223 -0.30 5.31 5.09
C LEU B 223 1.21 5.54 4.86
N PHE B 224 1.94 4.51 4.42
CA PHE B 224 3.38 4.69 4.32
C PHE B 224 3.61 5.19 2.94
N ASP B 225 4.58 6.10 2.79
CA ASP B 225 5.05 6.51 1.50
C ASP B 225 6.22 5.68 1.02
N PHE B 226 6.96 5.04 1.92
CA PHE B 226 8.14 4.22 1.55
C PHE B 226 8.31 3.30 2.73
N SER B 227 8.87 2.13 2.48
CA SER B 227 9.14 1.21 3.56
C SER B 227 10.38 0.38 3.32
N LEU B 228 11.02 0.04 4.45
CA LEU B 228 12.30 -0.69 4.52
C LEU B 228 12.18 -1.92 5.39
N TYR B 229 12.68 -3.04 4.91
CA TYR B 229 12.77 -4.27 5.71
C TYR B 229 14.25 -4.67 5.90
N VAL B 230 14.69 -4.72 7.16
CA VAL B 230 16.06 -5.11 7.56
C VAL B 230 16.11 -6.64 7.80
N ASP B 231 16.91 -7.32 6.99
CA ASP B 231 16.91 -8.78 6.85
C ASP B 231 18.31 -9.33 7.13
N ALA B 232 18.37 -10.62 7.47
CA ALA B 232 19.62 -11.37 7.72
C ALA B 232 19.30 -12.87 7.87
N ARG B 233 20.29 -13.74 7.72
CA ARG B 233 20.04 -15.17 7.96
C ARG B 233 19.58 -15.28 9.40
N ILE B 234 18.62 -16.16 9.63
CA ILE B 234 17.98 -16.36 10.94
C ILE B 234 19.03 -16.72 12.02
N GLU B 235 20.04 -17.50 11.65
CA GLU B 235 21.12 -17.88 12.55
C GLU B 235 21.90 -16.67 12.97
N ASP B 236 22.21 -15.79 12.02
CA ASP B 236 22.98 -14.59 12.32
C ASP B 236 22.25 -13.68 13.30
N ILE B 237 20.94 -13.49 13.15
CA ILE B 237 20.14 -12.69 14.13
C ILE B 237 20.12 -13.35 15.51
N GLU B 238 20.16 -14.67 15.55
CA GLU B 238 20.20 -15.37 16.82
C GLU B 238 21.45 -14.92 17.59
N GLN B 239 22.60 -15.05 16.93
CA GLN B 239 23.86 -14.55 17.46
C GLN B 239 23.80 -13.08 17.95
N TRP B 240 23.17 -12.19 17.18
CA TRP B 240 23.11 -10.79 17.58
C TRP B 240 22.19 -10.66 18.79
N TYR B 241 21.14 -11.48 18.82
CA TYR B 241 20.23 -11.42 19.95
C TYR B 241 20.97 -11.84 21.22
N VAL B 242 21.62 -13.00 21.13
CA VAL B 242 22.37 -13.54 22.29
C VAL B 242 23.37 -12.54 22.83
N SER B 243 24.18 -11.94 21.95
CA SER B 243 25.23 -10.97 22.35
C SER B 243 24.70 -9.74 23.02
N ARG B 244 23.61 -9.21 22.49
CA ARG B 244 23.05 -8.03 23.08
C ARG B 244 22.55 -8.40 24.49
N PHE B 245 22.07 -9.63 24.63
CA PHE B 245 21.53 -10.11 25.90
C PHE B 245 22.62 -10.15 27.00
N LEU B 246 23.73 -10.84 26.73
CA LEU B 246 24.88 -10.87 27.67
C LEU B 246 25.38 -9.47 27.98
N ALA B 247 25.52 -8.64 26.94
CA ALA B 247 25.96 -7.26 27.12
C ALA B 247 25.01 -6.49 28.03
N MET B 248 23.72 -6.80 27.98
CA MET B 248 22.75 -6.10 28.81
C MET B 248 22.90 -6.41 30.29
N ARG B 249 23.60 -7.50 30.61
CA ARG B 249 23.89 -7.88 32.00
C ARG B 249 24.53 -6.74 32.78
N THR B 250 25.40 -5.98 32.13
CA THR B 250 25.79 -4.71 32.66
C THR B 250 24.68 -3.71 32.37
N THR B 251 24.85 -2.98 31.27
CA THR B 251 24.14 -1.73 31.04
C THR B 251 22.80 -1.66 31.75
N ALA B 252 21.86 -2.50 31.32
CA ALA B 252 20.48 -2.40 31.78
C ALA B 252 20.15 -3.34 32.95
N PHE B 253 20.45 -4.63 32.79
CA PHE B 253 20.00 -5.63 33.75
C PHE B 253 20.57 -5.37 35.13
N ALA B 254 21.73 -4.72 35.15
CA ALA B 254 22.45 -4.40 36.38
C ALA B 254 21.66 -3.42 37.26
N ASP B 255 21.09 -2.38 36.63
CA ASP B 255 20.23 -1.40 37.30
C ASP B 255 19.24 -2.06 38.27
N PRO B 256 19.03 -1.47 39.47
CA PRO B 256 18.06 -2.02 40.44
C PRO B 256 16.61 -1.99 39.95
N GLU B 257 16.24 -0.90 39.28
CA GLU B 257 14.89 -0.67 38.75
C GLU B 257 14.53 -1.62 37.61
N SER B 258 15.53 -2.26 37.02
CA SER B 258 15.30 -3.21 35.96
C SER B 258 14.34 -4.31 36.37
N HIS B 259 13.29 -4.42 35.57
CA HIS B 259 12.37 -5.50 35.65
C HIS B 259 13.11 -6.85 35.54
N PHE B 260 14.27 -6.86 34.91
CA PHE B 260 14.95 -8.14 34.71
C PHE B 260 16.19 -8.37 35.60
N HIS B 261 16.15 -7.77 36.79
CA HIS B 261 17.27 -7.85 37.70
C HIS B 261 17.52 -9.29 38.16
N HIS B 262 16.46 -10.08 38.32
CA HIS B 262 16.60 -11.49 38.65
C HIS B 262 17.44 -12.29 37.63
N TYR B 263 17.91 -11.63 36.57
CA TYR B 263 18.91 -12.18 35.64
C TYR B 263 20.26 -11.50 35.82
N ALA B 264 20.26 -10.24 36.27
CA ALA B 264 21.41 -9.28 36.22
C ALA B 264 22.83 -9.83 35.93
N ALA B 265 23.21 -10.93 36.59
CA ALA B 265 24.41 -11.71 36.23
C ALA B 265 24.42 -13.11 36.88
N PHE B 266 24.25 -14.15 36.07
CA PHE B 266 24.05 -15.53 36.55
C PHE B 266 24.83 -16.61 35.81
N SER B 267 26.03 -16.26 35.36
CA SER B 267 26.90 -17.16 34.59
C SER B 267 26.69 -16.90 33.11
N ASP B 268 27.74 -16.37 32.46
CA ASP B 268 27.79 -16.25 31.01
C ASP B 268 27.16 -17.44 30.32
N SER B 269 27.61 -18.64 30.68
CA SER B 269 27.13 -19.85 30.04
C SER B 269 25.64 -20.04 30.25
N GLN B 270 25.15 -19.60 31.41
CA GLN B 270 23.75 -19.76 31.70
C GLN B 270 22.94 -18.63 31.07
N ALA B 271 23.61 -17.53 30.75
CA ALA B 271 22.95 -16.42 30.08
C ALA B 271 22.77 -16.75 28.59
N VAL B 272 23.85 -17.22 27.94
CA VAL B 272 23.77 -17.77 26.59
C VAL B 272 22.55 -18.66 26.50
N VAL B 273 22.50 -19.65 27.39
CA VAL B 273 21.50 -20.71 27.32
C VAL B 273 20.05 -20.19 27.43
N ALA B 274 19.82 -19.27 28.37
CA ALA B 274 18.52 -18.64 28.55
C ALA B 274 18.12 -17.78 27.33
N ALA B 275 19.04 -16.90 26.91
CA ALA B 275 18.87 -16.16 25.67
C ALA B 275 18.44 -17.06 24.54
N ARG B 276 19.14 -18.18 24.33
CA ARG B 276 18.77 -19.09 23.24
C ARG B 276 17.34 -19.59 23.43
N GLU B 277 16.93 -19.75 24.68
CA GLU B 277 15.61 -20.30 24.91
C GLU B 277 14.53 -19.24 24.75
N ILE B 278 14.79 -18.02 25.21
CA ILE B 278 13.86 -16.92 24.92
C ILE B 278 13.77 -16.69 23.39
N TRP B 279 14.90 -16.71 22.71
CA TRP B 279 14.90 -16.63 21.28
C TRP B 279 14.02 -17.72 20.64
N ARG B 280 14.30 -18.99 20.93
CA ARG B 280 13.55 -20.10 20.33
C ARG B 280 12.06 -20.19 20.63
N THR B 281 11.63 -19.54 21.70
CA THR B 281 10.32 -19.74 22.27
C THR B 281 9.42 -18.54 21.97
N ILE B 282 10.01 -17.34 21.95
CA ILE B 282 9.25 -16.15 21.64
C ILE B 282 9.69 -15.47 20.33
N ASN B 283 10.85 -14.82 20.34
CA ASN B 283 11.31 -13.93 19.25
C ASN B 283 11.53 -14.59 17.90
N ARG B 284 12.15 -15.77 17.88
CA ARG B 284 12.26 -16.51 16.61
C ARG B 284 10.89 -16.89 16.01
N PRO B 285 9.92 -17.39 16.81
CA PRO B 285 8.65 -17.71 16.16
C PRO B 285 7.87 -16.50 15.71
N ASN B 286 7.96 -15.40 16.44
CA ASN B 286 7.31 -14.16 16.03
C ASN B 286 7.90 -13.79 14.67
N LEU B 287 9.21 -14.02 14.49
CA LEU B 287 9.87 -13.75 13.23
C LEU B 287 9.32 -14.57 12.08
N VAL B 288 9.28 -15.91 12.27
CA VAL B 288 8.77 -16.81 11.25
C VAL B 288 7.28 -16.59 10.98
N GLU B 289 6.48 -16.57 12.04
CA GLU B 289 5.04 -16.51 11.83
C GLU B 289 4.66 -15.15 11.28
N ASN B 290 5.24 -14.08 11.83
CA ASN B 290 4.66 -12.75 11.68
C ASN B 290 5.46 -11.66 11.01
N ILE B 291 6.78 -11.79 10.91
CA ILE B 291 7.58 -10.62 10.48
C ILE B 291 8.10 -10.87 9.09
N LEU B 292 8.74 -12.03 8.94
CA LEU B 292 9.28 -12.45 7.68
C LEU B 292 8.20 -12.38 6.54
N PRO B 293 6.99 -12.93 6.77
CA PRO B 293 6.01 -12.80 5.68
C PRO B 293 5.73 -11.36 5.22
N THR B 294 6.03 -10.35 6.05
CA THR B 294 5.84 -8.98 5.61
C THR B 294 7.00 -8.46 4.73
N ARG B 295 8.04 -9.28 4.60
CA ARG B 295 9.21 -8.85 3.86
C ARG B 295 8.90 -8.47 2.42
N PRO B 296 8.12 -9.30 1.70
CA PRO B 296 8.01 -8.85 0.30
C PRO B 296 7.15 -7.60 0.14
N ARG B 297 6.66 -7.04 1.24
CA ARG B 297 5.80 -5.86 1.17
C ARG B 297 6.59 -4.54 1.19
N ALA B 298 7.89 -4.66 1.44
CA ALA B 298 8.72 -3.47 1.58
C ALA B 298 9.12 -2.94 0.22
N THR B 299 9.25 -1.63 0.15
CA THR B 299 9.82 -0.98 -1.04
C THR B 299 11.26 -1.43 -1.19
N LEU B 300 11.97 -1.48 -0.06
CA LEU B 300 13.41 -1.79 -0.04
C LEU B 300 13.73 -2.83 1.01
N VAL B 301 14.34 -3.93 0.57
CA VAL B 301 14.91 -4.87 1.51
C VAL B 301 16.45 -4.78 1.57
N LEU B 302 16.97 -4.53 2.77
CA LEU B 302 18.41 -4.59 3.12
C LEU B 302 18.82 -5.87 3.85
N ARG B 303 19.65 -6.69 3.21
CA ARG B 303 20.17 -7.92 3.80
C ARG B 303 21.61 -7.67 4.37
N LYS B 304 21.82 -8.02 5.63
CA LYS B 304 23.14 -7.84 6.25
C LYS B 304 23.82 -9.20 6.43
N ASP B 305 25.14 -9.24 6.41
CA ASP B 305 25.85 -10.51 6.67
C ASP B 305 26.20 -10.62 8.16
N ALA B 306 27.01 -11.62 8.51
CA ALA B 306 27.23 -11.96 9.93
C ALA B 306 27.68 -10.79 10.79
N ASP B 307 28.42 -9.85 10.23
CA ASP B 307 28.97 -8.78 11.04
C ASP B 307 28.27 -7.45 10.82
N HIS B 308 26.99 -7.53 10.46
CA HIS B 308 26.16 -6.37 10.16
C HIS B 308 26.59 -5.65 8.90
N SER B 309 27.39 -6.21 8.02
CA SER B 309 27.68 -5.39 6.85
C SER B 309 26.70 -5.80 5.76
N ILE B 310 26.11 -4.81 5.08
CA ILE B 310 25.11 -5.05 4.03
C ILE B 310 25.71 -5.77 2.85
N ASN B 311 25.08 -6.86 2.40
CA ASN B 311 25.58 -7.62 1.25
C ASN B 311 24.60 -7.73 0.05
N ARG B 312 23.40 -7.16 0.19
CA ARG B 312 22.36 -7.27 -0.83
C ARG B 312 21.23 -6.25 -0.57
N LEU B 313 20.95 -5.41 -1.58
CA LEU B 313 19.81 -4.55 -1.60
C LEU B 313 18.85 -4.97 -2.71
N ARG B 314 17.57 -5.05 -2.38
CA ARG B 314 16.49 -5.24 -3.34
C ARG B 314 15.56 -4.03 -3.25
N LEU B 315 15.43 -3.34 -4.38
CA LEU B 315 14.62 -2.15 -4.54
C LEU B 315 13.45 -2.32 -5.56
N ARG B 316 12.20 -2.11 -5.11
CA ARG B 316 11.06 -2.17 -6.03
C ARG B 316 11.29 -1.30 -7.24
N LYS B 317 11.14 -1.89 -8.43
CA LYS B 317 11.16 -1.12 -9.69
C LYS B 317 10.22 0.10 -9.74
N LEU B 318 10.78 1.23 -10.15
CA LEU B 318 10.00 2.44 -10.38
C LEU B 318 9.50 2.46 -11.85
P PO4 C . -20.20 -2.92 -12.29
O1 PO4 C . -21.12 -1.87 -12.86
O2 PO4 C . -19.14 -3.42 -13.28
O3 PO4 C . -20.88 -4.22 -11.88
O4 PO4 C . -19.64 -2.23 -11.07
F7 ZVW D . -25.86 -5.62 -12.13
C2 ZVW D . -26.08 -6.88 -12.53
C1 ZVW D . -24.96 -7.69 -12.86
C6 ZVW D . -25.30 -8.99 -13.27
C3 ZVW D . -27.42 -7.32 -12.62
C4 ZVW D . -27.68 -8.63 -13.01
C5 ZVW D . -26.63 -9.46 -13.37
O8 ZVW D . -26.94 -10.80 -13.78
C9 ZVW D . -25.97 -11.86 -13.96
C10 ZVW D . -26.69 -13.22 -13.80
S11 ZVW D . -27.67 -13.32 -12.30
C12 ZVW D . -26.49 -13.05 -11.08
N13 ZVW D . -26.30 -11.81 -10.40
N14 ZVW D . -25.24 -11.99 -9.49
N16 ZVW D . -25.54 -14.01 -10.60
C17 ZVW D . -25.43 -15.43 -10.99
C18 ZVW D . -26.27 -16.24 -9.99
C19 ZVW D . -25.72 -16.87 -8.86
C20 ZVW D . -26.53 -17.61 -7.98
C21 ZVW D . -27.92 -17.70 -8.22
F24 ZVW D . -28.73 -18.37 -7.38
C22 ZVW D . -28.48 -17.08 -9.33
C23 ZVW D . -27.66 -16.36 -10.21
C15 ZVW D . -24.77 -13.34 -9.58
C25 ZVW D . -23.60 -13.96 -8.81
C26 ZVW D . -23.80 -13.86 -7.31
N27 ZVW D . -22.43 -13.20 -9.17
C28 ZVW D . -21.78 -13.19 -10.36
O29 ZVW D . -22.23 -13.69 -11.37
C30 ZVW D . -20.56 -12.30 -10.49
C35 ZVW D . -20.63 -11.01 -11.04
C36 ZVW D . -21.93 -10.42 -11.57
F38 ZVW D . -22.21 -10.94 -12.77
F37 ZVW D . -21.84 -9.10 -11.65
F39 ZVW D . -22.93 -10.65 -10.74
C31 ZVW D . -19.33 -12.78 -10.03
C32 ZVW D . -18.16 -12.00 -10.12
C33 ZVW D . -18.23 -10.72 -10.68
C34 ZVW D . -19.46 -10.24 -11.12
P PO4 E . 16.39 -3.88 16.75
O1 PO4 E . 17.91 -3.82 16.77
O2 PO4 E . 15.84 -2.50 17.00
O3 PO4 E . 15.85 -4.82 17.84
O4 PO4 E . 15.97 -4.40 15.40
F7 ZVW F . 18.63 -7.88 21.23
C2 ZVW F . 18.08 -7.94 22.46
C1 ZVW F . 17.01 -7.07 22.76
C6 ZVW F . 16.51 -7.21 24.07
C3 ZVW F . 18.65 -8.84 23.37
C4 ZVW F . 18.12 -8.94 24.64
C5 ZVW F . 17.05 -8.12 24.99
O8 ZVW F . 16.55 -8.23 26.35
C9 ZVW F . 15.25 -7.79 26.80
C10 ZVW F . 14.78 -8.69 27.96
S11 ZVW F . 14.85 -10.42 27.54
C12 ZVW F . 13.67 -10.57 26.26
N13 ZVW F . 13.92 -10.83 24.86
N14 ZVW F . 12.66 -10.82 24.20
N16 ZVW F . 12.27 -10.34 26.44
C17 ZVW F . 11.62 -10.09 27.70
C18 ZVW F . 11.21 -11.49 28.17
C19 ZVW F . 9.89 -11.96 28.03
C20 ZVW F . 9.51 -13.24 28.46
C21 ZVW F . 10.47 -14.08 29.04
F24 ZVW F . 10.13 -15.33 29.44
C22 ZVW F . 11.80 -13.64 29.18
C23 ZVW F . 12.16 -12.36 28.75
C15 ZVW F . 11.65 -10.52 25.17
C25 ZVW F . 10.16 -10.33 24.96
C26 ZVW F . 9.48 -11.56 24.44
N27 ZVW F . 10.11 -9.26 23.98
C28 ZVW F . 10.49 -7.98 24.20
O29 ZVW F . 10.87 -7.55 25.27
C30 ZVW F . 10.19 -6.98 23.13
C35 ZVW F . 11.19 -6.36 22.38
C36 ZVW F . 12.66 -6.63 22.64
F38 ZVW F . 12.97 -6.09 23.83
F37 ZVW F . 13.45 -6.05 21.72
F39 ZVW F . 12.86 -7.94 22.65
C31 ZVW F . 8.85 -6.68 22.87
C32 ZVW F . 8.50 -5.77 21.88
C33 ZVW F . 9.48 -5.13 21.14
C34 ZVW F . 10.83 -5.42 21.39
#